data_4KYN
#
_entry.id   4KYN
#
_cell.length_a   52.800
_cell.length_b   52.800
_cell.length_c   247.860
_cell.angle_alpha   90.000
_cell.angle_beta   90.000
_cell.angle_gamma   120.000
#
_symmetry.space_group_name_H-M   'P 32'
#
_entity_poly.entity_id   1
_entity_poly.type   'polypeptide(L)'
_entity_poly.pdbx_seq_one_letter_code
;GDNPCAAGPPVDTNPAECCPKPMLVDGTIMMDCYKKYGEQTKKQLQMDGIPRGCCIAECAMNATNMYADGMLKRDDLSKM
FMDAVKDKPEWMSLVRDATNACFELAEKKMDEIEAGAKLEPSFEGEKICHPISGTILRCMGMMMFAQCPASVFNVNENCN
KLREYGSICPMI
;
_entity_poly.pdbx_strand_id   A,B,C,D
#
# COMPACT_ATOMS: atom_id res chain seq x y z
N GLY A 1 25.37 -7.81 23.58
CA GLY A 1 25.14 -8.53 24.82
C GLY A 1 23.67 -8.85 25.06
N ASP A 2 22.98 -7.98 25.79
CA ASP A 2 21.55 -8.15 26.07
C ASP A 2 20.66 -7.99 24.83
N ASN A 3 20.88 -6.94 24.04
CA ASN A 3 20.14 -6.76 22.78
C ASN A 3 20.97 -7.12 21.54
N PRO A 4 20.88 -8.39 21.10
CA PRO A 4 21.65 -8.72 19.89
C PRO A 4 20.98 -8.12 18.66
N CYS A 5 19.65 -7.98 18.70
CA CYS A 5 18.90 -7.52 17.53
C CYS A 5 19.00 -6.01 17.42
N ALA A 6 19.61 -5.40 18.43
CA ALA A 6 20.00 -4.00 18.32
C ALA A 6 21.19 -3.92 17.37
N ALA A 7 22.23 -4.70 17.68
CA ALA A 7 23.48 -4.68 16.93
C ALA A 7 23.25 -4.91 15.43
N GLY A 8 22.27 -5.75 15.12
CA GLY A 8 22.00 -6.15 13.76
C GLY A 8 22.89 -7.32 13.39
N PRO A 9 22.91 -7.68 12.11
CA PRO A 9 23.70 -8.82 11.65
C PRO A 9 25.18 -8.45 11.55
N PRO A 10 26.05 -9.46 11.44
CA PRO A 10 27.40 -9.14 10.93
C PRO A 10 27.33 -8.81 9.45
N VAL A 11 28.12 -7.81 9.05
CA VAL A 11 28.07 -7.13 7.75
C VAL A 11 28.47 -8.01 6.56
N ASP A 12 29.66 -8.59 6.67
CA ASP A 12 30.28 -9.36 5.59
C ASP A 12 30.09 -10.83 5.95
N THR A 13 28.84 -11.26 5.83
CA THR A 13 28.39 -12.62 6.07
C THR A 13 27.34 -12.91 5.02
N ASN A 14 27.64 -13.86 4.15
CA ASN A 14 26.67 -14.23 3.15
C ASN A 14 25.89 -15.45 3.61
N PRO A 15 24.57 -15.28 3.72
CA PRO A 15 23.67 -16.36 4.05
C PRO A 15 23.85 -17.57 3.14
N ALA A 16 24.33 -17.37 1.92
CA ALA A 16 24.61 -18.48 1.01
C ALA A 16 26.01 -19.04 1.25
N GLU A 17 26.90 -18.21 1.79
CA GLU A 17 28.20 -18.69 2.25
C GLU A 17 28.09 -19.50 3.52
N CYS A 18 27.20 -19.08 4.40
CA CYS A 18 26.88 -19.87 5.57
C CYS A 18 26.05 -21.06 5.17
N CYS A 19 25.25 -20.89 4.11
CA CYS A 19 24.51 -22.04 3.63
C CYS A 19 24.47 -22.07 2.11
N PRO A 20 25.36 -22.87 1.51
CA PRO A 20 25.40 -23.14 0.07
C PRO A 20 24.15 -23.89 -0.37
N LYS A 21 23.11 -23.09 -0.48
CA LYS A 21 21.76 -23.50 -0.83
C LYS A 21 21.77 -24.03 -2.26
N PRO A 22 21.02 -25.11 -2.54
CA PRO A 22 21.08 -25.65 -3.89
C PRO A 22 20.38 -24.77 -4.93
N MET A 23 20.77 -24.89 -6.19
CA MET A 23 20.01 -24.29 -7.26
C MET A 23 18.91 -25.28 -7.70
N LEU A 24 17.66 -24.97 -7.39
CA LEU A 24 16.56 -25.82 -7.85
C LEU A 24 16.17 -25.44 -9.28
N VAL A 25 16.54 -24.23 -9.66
CA VAL A 25 16.47 -23.77 -11.03
C VAL A 25 17.88 -23.31 -11.32
N ASP A 26 18.38 -23.69 -12.48
CA ASP A 26 19.77 -23.40 -12.88
C ASP A 26 20.25 -22.01 -12.49
N GLY A 27 21.37 -21.97 -11.78
CA GLY A 27 21.90 -20.74 -11.25
C GLY A 27 22.13 -19.72 -12.32
N THR A 28 22.45 -20.18 -13.53
CA THR A 28 22.68 -19.26 -14.64
C THR A 28 21.40 -18.75 -15.32
N ILE A 29 20.31 -19.53 -15.26
CA ILE A 29 19.00 -19.07 -15.76
C ILE A 29 18.54 -17.84 -15.01
N MET A 30 18.76 -17.85 -13.70
CA MET A 30 18.32 -16.77 -12.85
C MET A 30 19.12 -15.52 -13.18
N MET A 31 20.39 -15.71 -13.53
CA MET A 31 21.23 -14.58 -13.90
C MET A 31 20.64 -13.86 -15.07
N ASP A 32 20.25 -14.65 -16.07
CA ASP A 32 19.64 -14.10 -17.25
C ASP A 32 18.31 -13.46 -16.91
N CYS A 33 17.43 -14.22 -16.26
CA CYS A 33 16.11 -13.70 -15.93
C CYS A 33 16.24 -12.45 -15.08
N TYR A 34 17.16 -12.46 -14.14
CA TYR A 34 17.38 -11.30 -13.31
C TYR A 34 17.89 -10.18 -14.16
N LYS A 35 18.89 -10.46 -14.98
CA LYS A 35 19.48 -9.43 -15.84
C LYS A 35 18.44 -8.81 -16.78
N LYS A 36 17.49 -9.62 -17.24
CA LYS A 36 16.44 -9.12 -18.13
C LYS A 36 15.42 -8.24 -17.42
N TYR A 37 14.83 -8.76 -16.34
CA TYR A 37 13.70 -8.11 -15.70
C TYR A 37 14.07 -7.54 -14.35
N GLY A 38 15.36 -7.42 -14.07
CA GLY A 38 15.81 -6.95 -12.76
C GLY A 38 15.37 -5.55 -12.39
N GLU A 39 15.55 -4.61 -13.30
CA GLU A 39 15.27 -3.21 -13.01
C GLU A 39 13.79 -3.06 -12.76
N GLN A 40 13.01 -3.78 -13.53
CA GLN A 40 11.56 -3.73 -13.47
C GLN A 40 11.04 -4.26 -12.15
N THR A 41 11.57 -5.40 -11.72
CA THR A 41 11.12 -6.00 -10.46
C THR A 41 11.47 -5.11 -9.27
N LYS A 42 12.63 -4.45 -9.31
CA LYS A 42 13.07 -3.56 -8.25
C LYS A 42 12.18 -2.32 -8.11
N LYS A 43 11.55 -1.92 -9.20
CA LYS A 43 10.53 -0.86 -9.16
C LYS A 43 9.32 -1.35 -8.39
N GLN A 44 8.75 -2.44 -8.87
CA GLN A 44 7.52 -3.03 -8.34
C GLN A 44 7.49 -3.30 -6.84
N LEU A 45 8.68 -3.42 -6.25
CA LEU A 45 8.81 -3.57 -4.81
C LEU A 45 8.39 -2.29 -4.14
N GLN A 46 8.60 -1.19 -4.85
CA GLN A 46 8.32 0.11 -4.27
C GLN A 46 6.93 0.58 -4.63
N MET A 47 6.26 -0.16 -5.50
CA MET A 47 4.90 0.19 -5.87
C MET A 47 3.82 -0.29 -4.91
N ASP A 48 2.78 0.53 -4.80
CA ASP A 48 1.66 0.27 -3.90
C ASP A 48 0.57 -0.54 -4.57
N GLY A 49 -0.53 -0.69 -3.83
CA GLY A 49 -1.74 -1.30 -4.37
C GLY A 49 -1.62 -2.80 -4.32
N ILE A 50 -2.37 -3.45 -5.21
CA ILE A 50 -2.19 -4.87 -5.48
C ILE A 50 -0.74 -5.22 -5.80
N PRO A 51 -0.24 -6.29 -5.16
CA PRO A 51 1.12 -6.75 -5.44
C PRO A 51 1.32 -7.17 -6.90
N ARG A 52 2.45 -6.77 -7.49
CA ARG A 52 2.74 -7.07 -8.88
C ARG A 52 3.58 -8.33 -9.02
N GLY A 53 3.21 -9.16 -9.99
CA GLY A 53 3.82 -10.47 -10.16
C GLY A 53 5.29 -10.45 -10.48
N CYS A 54 6.04 -11.37 -9.88
CA CYS A 54 7.46 -11.43 -10.19
C CYS A 54 7.63 -12.11 -11.54
N CYS A 55 8.29 -11.39 -12.44
CA CYS A 55 8.49 -11.79 -13.83
C CYS A 55 9.71 -12.64 -14.00
N ILE A 56 10.68 -12.42 -13.13
CA ILE A 56 11.87 -13.22 -13.16
C ILE A 56 11.41 -14.66 -12.96
N ALA A 57 10.61 -14.86 -11.93
CA ALA A 57 10.09 -16.15 -11.58
C ALA A 57 9.24 -16.69 -12.68
N GLU A 58 8.40 -15.85 -13.25
CA GLU A 58 7.55 -16.29 -14.34
C GLU A 58 8.42 -16.62 -15.56
N CYS A 59 9.41 -15.79 -15.83
CA CYS A 59 10.34 -16.09 -16.91
C CYS A 59 11.06 -17.42 -16.69
N ALA A 60 11.52 -17.65 -15.47
CA ALA A 60 12.16 -18.92 -15.16
C ALA A 60 11.16 -20.07 -15.23
N MET A 61 9.94 -19.82 -14.80
CA MET A 61 8.96 -20.88 -14.80
C MET A 61 8.52 -21.17 -16.21
N ASN A 62 8.64 -20.17 -17.08
CA ASN A 62 8.46 -20.37 -18.51
C ASN A 62 9.53 -21.21 -19.17
N ALA A 63 10.78 -20.86 -18.94
CA ALA A 63 11.92 -21.44 -19.62
C ALA A 63 12.05 -22.94 -19.37
N THR A 64 11.71 -23.32 -18.15
CA THR A 64 11.80 -24.68 -17.71
C THR A 64 10.49 -25.38 -18.05
N ASN A 65 9.68 -24.72 -18.88
CA ASN A 65 8.41 -25.23 -19.38
C ASN A 65 7.46 -25.62 -18.27
N MET A 66 7.42 -24.76 -17.24
CA MET A 66 6.61 -24.97 -16.07
C MET A 66 5.43 -24.01 -16.01
N TYR A 67 5.55 -22.85 -16.67
CA TYR A 67 4.44 -21.90 -16.62
C TYR A 67 3.70 -21.85 -17.94
N ALA A 68 2.37 -21.93 -17.86
CA ALA A 68 1.51 -21.99 -19.05
C ALA A 68 0.05 -21.66 -18.74
N ASP A 69 -0.53 -20.74 -19.51
CA ASP A 69 -1.94 -20.33 -19.36
C ASP A 69 -2.25 -19.79 -17.95
N GLY A 70 -1.37 -18.95 -17.40
CA GLY A 70 -1.59 -18.40 -16.07
C GLY A 70 -1.52 -19.46 -14.97
N MET A 71 -1.10 -20.67 -15.35
CA MET A 71 -1.07 -21.81 -14.43
C MET A 71 0.31 -22.45 -14.32
N LEU A 72 0.76 -22.63 -13.09
CA LEU A 72 2.03 -23.27 -12.83
C LEU A 72 1.72 -24.75 -12.74
N LYS A 73 2.58 -25.59 -13.33
CA LYS A 73 2.37 -27.03 -13.31
C LYS A 73 2.90 -27.63 -12.04
N ARG A 74 2.03 -27.69 -11.03
CA ARG A 74 2.39 -28.18 -9.71
C ARG A 74 3.10 -29.54 -9.73
N ASP A 75 2.53 -30.49 -10.46
CA ASP A 75 3.09 -31.85 -10.54
C ASP A 75 4.51 -31.87 -11.07
N ASP A 76 4.73 -31.16 -12.17
CA ASP A 76 6.02 -31.16 -12.86
C ASP A 76 7.05 -30.39 -12.08
N LEU A 77 6.60 -29.31 -11.44
CA LEU A 77 7.46 -28.49 -10.60
C LEU A 77 7.92 -29.32 -9.42
N SER A 78 6.97 -30.06 -8.84
CA SER A 78 7.27 -30.98 -7.75
C SER A 78 8.41 -31.83 -8.23
N LYS A 79 8.19 -32.48 -9.36
CA LYS A 79 9.17 -33.42 -9.85
C LYS A 79 10.48 -32.74 -10.19
N MET A 80 10.41 -31.54 -10.75
CA MET A 80 11.63 -30.81 -11.12
C MET A 80 12.49 -30.54 -9.90
N PHE A 81 11.84 -30.30 -8.77
CA PHE A 81 12.57 -30.00 -7.55
C PHE A 81 13.37 -31.19 -7.01
N MET A 82 12.84 -32.40 -7.10
CA MET A 82 13.59 -33.56 -6.64
C MET A 82 14.86 -33.74 -7.44
N ASP A 83 14.75 -33.52 -8.75
CA ASP A 83 15.85 -33.69 -9.68
C ASP A 83 17.06 -32.81 -9.36
N ALA A 84 16.85 -31.68 -8.70
CA ALA A 84 17.96 -30.83 -8.33
C ALA A 84 18.74 -31.40 -7.16
N VAL A 85 17.99 -31.98 -6.24
CA VAL A 85 18.52 -32.44 -4.96
C VAL A 85 18.53 -33.94 -4.87
N LYS A 86 18.42 -34.59 -6.02
CA LYS A 86 18.58 -36.03 -6.05
C LYS A 86 20.02 -36.34 -5.60
N ASP A 87 20.90 -35.35 -5.75
CA ASP A 87 22.31 -35.52 -5.48
C ASP A 87 22.69 -35.03 -4.09
N LYS A 88 21.65 -34.64 -3.35
CA LYS A 88 21.79 -34.12 -1.99
C LYS A 88 20.59 -34.56 -1.16
N PRO A 89 20.67 -35.77 -0.60
CA PRO A 89 19.57 -36.37 0.17
C PRO A 89 19.26 -35.55 1.43
N GLU A 90 20.26 -34.83 1.91
CA GLU A 90 20.09 -33.98 3.07
C GLU A 90 19.12 -32.86 2.78
N TRP A 91 18.93 -32.54 1.50
CA TRP A 91 18.01 -31.50 1.07
C TRP A 91 16.63 -32.03 0.67
N MET A 92 16.56 -33.31 0.32
CA MET A 92 15.34 -33.94 -0.20
C MET A 92 14.19 -33.83 0.76
N SER A 93 14.49 -34.08 2.03
CA SER A 93 13.48 -34.03 3.07
C SER A 93 12.90 -32.65 3.06
N LEU A 94 13.79 -31.66 3.12
CA LEU A 94 13.41 -30.27 3.15
C LEU A 94 12.64 -29.85 1.89
N VAL A 95 13.19 -30.21 0.73
CA VAL A 95 12.63 -29.82 -0.56
C VAL A 95 11.19 -30.28 -0.75
N ARG A 96 10.91 -31.53 -0.38
CA ARG A 96 9.54 -32.03 -0.46
C ARG A 96 8.56 -31.22 0.36
N ASP A 97 8.92 -30.94 1.60
CA ASP A 97 8.01 -30.21 2.47
C ASP A 97 7.83 -28.79 1.96
N ALA A 98 8.97 -28.15 1.70
CA ALA A 98 8.97 -26.77 1.24
C ALA A 98 8.09 -26.64 0.00
N THR A 99 8.09 -27.69 -0.82
CA THR A 99 7.24 -27.71 -1.99
C THR A 99 5.78 -27.56 -1.56
N ASN A 100 5.32 -28.43 -0.67
CA ASN A 100 3.91 -28.39 -0.27
C ASN A 100 3.53 -27.19 0.59
N ALA A 101 4.45 -26.71 1.42
CA ALA A 101 4.22 -25.47 2.14
C ALA A 101 3.99 -24.31 1.18
N CYS A 102 4.93 -24.11 0.29
CA CYS A 102 4.91 -23.01 -0.65
C CYS A 102 3.65 -23.02 -1.50
N PHE A 103 3.21 -24.21 -1.86
CA PHE A 103 2.02 -24.32 -2.66
C PHE A 103 0.79 -23.98 -1.85
N GLU A 104 0.70 -24.57 -0.67
CA GLU A 104 -0.44 -24.42 0.21
C GLU A 104 -0.53 -23.05 0.86
N LEU A 105 0.62 -22.41 1.06
CA LEU A 105 0.61 -21.01 1.45
C LEU A 105 0.03 -20.17 0.32
N ALA A 106 0.41 -20.49 -0.91
CA ALA A 106 -0.13 -19.83 -2.10
C ALA A 106 -1.63 -20.05 -2.24
N GLU A 107 -2.12 -21.16 -1.68
CA GLU A 107 -3.54 -21.46 -1.69
C GLU A 107 -4.33 -20.46 -0.84
N LYS A 108 -3.64 -19.88 0.13
CA LYS A 108 -4.25 -18.92 1.06
C LYS A 108 -4.51 -17.56 0.42
N LYS A 109 -3.53 -17.08 -0.34
CA LYS A 109 -3.61 -15.74 -0.92
C LYS A 109 -4.00 -15.75 -2.39
N MET A 110 -4.91 -16.65 -2.76
CA MET A 110 -5.30 -16.79 -4.14
C MET A 110 -6.07 -15.61 -4.67
N ASP A 111 -7.06 -15.16 -3.91
CA ASP A 111 -7.86 -14.04 -4.37
C ASP A 111 -6.96 -12.80 -4.53
N GLU A 112 -5.99 -12.64 -3.64
CA GLU A 112 -4.97 -11.60 -3.78
C GLU A 112 -4.03 -11.86 -4.97
N ILE A 113 -3.70 -13.12 -5.22
CA ILE A 113 -2.86 -13.49 -6.36
C ILE A 113 -3.60 -13.24 -7.66
N GLU A 114 -4.90 -13.53 -7.68
CA GLU A 114 -5.72 -13.34 -8.87
C GLU A 114 -5.82 -11.91 -9.38
N ALA A 115 -5.93 -10.99 -8.42
CA ALA A 115 -5.95 -9.56 -8.67
C ALA A 115 -4.67 -9.07 -9.33
N GLY A 116 -3.54 -9.59 -8.90
CA GLY A 116 -2.27 -9.19 -9.46
C GLY A 116 -2.16 -9.50 -10.93
N ALA A 117 -2.80 -10.57 -11.36
CA ALA A 117 -2.70 -11.02 -12.75
C ALA A 117 -3.49 -10.15 -13.72
N LYS A 118 -4.40 -9.34 -13.19
CA LYS A 118 -5.35 -8.59 -13.98
C LYS A 118 -4.88 -7.15 -14.17
N LEU A 119 -3.84 -6.76 -13.43
CA LEU A 119 -3.40 -5.36 -13.42
C LEU A 119 -3.01 -4.83 -14.78
N GLU A 120 -2.96 -3.50 -14.87
CA GLU A 120 -2.57 -2.84 -16.10
C GLU A 120 -1.25 -2.15 -15.92
N PRO A 121 -0.43 -2.17 -16.98
CA PRO A 121 0.94 -1.62 -16.93
C PRO A 121 0.94 -0.17 -16.48
N SER A 122 1.75 0.13 -15.47
CA SER A 122 1.78 1.45 -14.86
C SER A 122 2.30 2.53 -15.78
N PHE A 123 2.88 2.11 -16.90
CA PHE A 123 3.34 3.05 -17.91
C PHE A 123 3.73 2.28 -19.17
N GLU A 124 4.52 2.93 -20.02
CA GLU A 124 5.00 2.36 -21.26
C GLU A 124 6.09 1.30 -21.05
N GLY A 125 5.85 0.09 -21.55
CA GLY A 125 6.80 -0.99 -21.46
C GLY A 125 6.90 -1.81 -20.17
N GLU A 126 5.83 -1.85 -19.38
CA GLU A 126 5.81 -2.80 -18.25
C GLU A 126 5.26 -4.15 -18.68
N LYS A 127 6.01 -5.23 -18.40
CA LYS A 127 5.53 -6.58 -18.68
C LYS A 127 4.91 -7.12 -17.42
N ILE A 128 3.62 -7.45 -17.49
CA ILE A 128 2.86 -7.97 -16.36
C ILE A 128 2.85 -9.51 -16.24
N CYS A 129 3.38 -10.02 -15.12
CA CYS A 129 3.52 -11.46 -14.87
C CYS A 129 2.52 -12.01 -13.85
N HIS A 130 2.27 -13.30 -13.92
CA HIS A 130 1.44 -13.92 -12.92
C HIS A 130 2.25 -14.12 -11.64
N PRO A 131 1.74 -13.61 -10.52
CA PRO A 131 2.46 -13.59 -9.26
C PRO A 131 2.70 -14.95 -8.66
N ILE A 132 2.07 -15.98 -9.20
CA ILE A 132 2.20 -17.31 -8.63
C ILE A 132 3.64 -17.84 -8.65
N SER A 133 4.34 -17.59 -9.75
CA SER A 133 5.71 -18.04 -9.96
C SER A 133 6.63 -17.49 -8.90
N GLY A 134 6.56 -16.18 -8.72
CA GLY A 134 7.37 -15.45 -7.77
C GLY A 134 6.97 -15.70 -6.35
N THR A 135 5.72 -16.09 -6.17
CA THR A 135 5.22 -16.50 -4.88
C THR A 135 5.85 -17.79 -4.39
N ILE A 136 5.75 -18.83 -5.23
CA ILE A 136 6.24 -20.11 -4.81
C ILE A 136 7.73 -20.01 -4.60
N LEU A 137 8.43 -19.45 -5.55
CA LEU A 137 9.89 -19.50 -5.48
C LEU A 137 10.52 -18.62 -4.41
N ARG A 138 9.90 -17.50 -4.06
CA ARG A 138 10.38 -16.69 -2.93
C ARG A 138 10.18 -17.47 -1.65
N CYS A 139 8.99 -18.03 -1.50
CA CYS A 139 8.71 -18.94 -0.40
C CYS A 139 9.78 -20.05 -0.31
N MET A 140 9.98 -20.76 -1.40
CA MET A 140 10.99 -21.79 -1.53
C MET A 140 12.39 -21.32 -1.17
N GLY A 141 12.75 -20.14 -1.65
CA GLY A 141 14.08 -19.63 -1.45
C GLY A 141 14.42 -19.34 -0.01
N MET A 142 13.49 -18.72 0.70
CA MET A 142 13.71 -18.38 2.08
C MET A 142 13.75 -19.61 2.97
N MET A 143 12.88 -20.57 2.68
CA MET A 143 12.80 -21.82 3.43
C MET A 143 14.09 -22.60 3.64
N MET A 144 14.95 -22.64 2.64
CA MET A 144 16.17 -23.43 2.79
C MET A 144 17.25 -22.71 3.54
N PHE A 145 17.26 -21.38 3.46
CA PHE A 145 18.04 -20.64 4.42
C PHE A 145 17.50 -21.12 5.76
N ALA A 146 16.19 -20.98 5.92
CA ALA A 146 15.53 -21.17 7.19
C ALA A 146 15.78 -22.53 7.80
N GLN A 147 15.77 -23.57 6.98
CA GLN A 147 15.98 -24.91 7.52
C GLN A 147 17.29 -25.51 7.06
N CYS A 148 18.29 -24.67 6.82
CA CYS A 148 19.62 -25.11 6.42
C CYS A 148 20.03 -26.30 7.30
N PRO A 149 20.35 -27.43 6.67
CA PRO A 149 20.74 -28.65 7.38
C PRO A 149 21.99 -28.44 8.20
N ALA A 150 21.91 -28.77 9.49
CA ALA A 150 23.02 -28.64 10.44
C ALA A 150 24.26 -29.33 9.88
N SER A 151 24.02 -30.30 9.02
CA SER A 151 25.07 -30.98 8.29
C SER A 151 25.70 -30.15 7.15
N VAL A 152 24.96 -29.16 6.64
CA VAL A 152 25.37 -28.38 5.46
C VAL A 152 25.89 -27.00 5.83
N PHE A 153 25.33 -26.48 6.90
CA PHE A 153 25.72 -25.18 7.43
C PHE A 153 27.21 -25.13 7.76
N ASN A 154 27.84 -24.01 7.42
CA ASN A 154 29.24 -23.78 7.79
C ASN A 154 29.33 -23.25 9.20
N VAL A 155 30.06 -23.94 10.06
CA VAL A 155 30.14 -23.48 11.44
C VAL A 155 31.37 -22.58 11.58
N ASN A 156 31.13 -21.36 12.02
CA ASN A 156 32.16 -20.39 12.34
C ASN A 156 31.51 -19.23 13.10
N GLU A 157 32.33 -18.39 13.75
CA GLU A 157 31.84 -17.25 14.53
C GLU A 157 30.73 -16.46 13.87
N ASN A 158 30.90 -16.20 12.58
CA ASN A 158 29.93 -15.40 11.88
C ASN A 158 28.66 -16.19 11.67
N CYS A 159 28.82 -17.31 10.97
CA CYS A 159 27.69 -18.12 10.60
C CYS A 159 26.94 -18.56 11.84
N ASN A 160 27.64 -18.64 12.94
CA ASN A 160 26.96 -19.00 14.16
C ASN A 160 26.19 -17.84 14.75
N LYS A 161 26.79 -16.65 14.80
CA LYS A 161 26.04 -15.51 15.31
C LYS A 161 24.88 -15.23 14.36
N LEU A 162 25.16 -15.38 13.08
CA LEU A 162 24.17 -15.16 12.05
C LEU A 162 22.95 -16.04 12.32
N ARG A 163 23.17 -17.32 12.44
CA ARG A 163 22.09 -18.23 12.77
C ARG A 163 21.43 -17.83 14.06
N GLU A 164 22.25 -17.51 15.06
CA GLU A 164 21.79 -17.06 16.37
C GLU A 164 20.86 -15.86 16.22
N TYR A 165 21.25 -14.95 15.33
CA TYR A 165 20.48 -13.76 14.99
C TYR A 165 19.12 -14.14 14.44
N GLY A 166 19.13 -14.79 13.28
CA GLY A 166 17.91 -15.15 12.60
C GLY A 166 16.92 -16.04 13.33
N SER A 167 17.37 -16.80 14.31
CA SER A 167 16.47 -17.71 15.03
C SER A 167 15.80 -16.99 16.18
N ILE A 168 16.57 -16.15 16.85
CA ILE A 168 16.08 -15.45 18.02
C ILE A 168 15.52 -14.07 17.71
N CYS A 169 16.23 -13.25 16.94
CA CYS A 169 15.76 -11.88 16.71
C CYS A 169 14.37 -11.66 16.10
N PRO A 170 13.91 -12.50 15.16
CA PRO A 170 12.55 -12.29 14.68
C PRO A 170 11.48 -12.26 15.79
N MET A 171 11.71 -13.01 16.86
CA MET A 171 10.69 -13.12 17.89
C MET A 171 10.87 -12.01 18.89
N ILE A 172 11.94 -11.25 18.73
CA ILE A 172 12.19 -10.07 19.56
C ILE A 172 12.05 -8.83 18.69
N GLY B 1 -16.72 14.55 17.60
CA GLY B 1 -17.32 13.24 17.75
C GLY B 1 -18.17 12.81 16.58
N ASP B 2 -19.49 13.05 16.68
CA ASP B 2 -20.43 12.70 15.60
C ASP B 2 -20.33 13.51 14.30
N ASN B 3 -20.27 14.84 14.39
CA ASN B 3 -20.06 15.65 13.19
C ASN B 3 -18.64 16.20 13.12
N PRO B 4 -17.74 15.44 12.50
CA PRO B 4 -16.35 15.93 12.35
C PRO B 4 -16.27 16.98 11.26
N CYS B 5 -17.15 16.85 10.26
CA CYS B 5 -17.12 17.67 9.07
C CYS B 5 -17.78 19.03 9.32
N ALA B 6 -18.39 19.16 10.49
CA ALA B 6 -18.81 20.46 10.97
C ALA B 6 -17.55 21.22 11.41
N ALA B 7 -16.81 20.60 12.32
CA ALA B 7 -15.64 21.21 12.94
C ALA B 7 -14.61 21.70 11.92
N GLY B 8 -14.51 20.97 10.82
CA GLY B 8 -13.48 21.23 9.84
C GLY B 8 -12.18 20.50 10.11
N PRO B 9 -11.12 20.87 9.39
CA PRO B 9 -9.79 20.26 9.39
C PRO B 9 -8.98 20.57 10.65
N PRO B 10 -7.83 19.90 10.83
CA PRO B 10 -6.84 20.42 11.78
C PRO B 10 -6.25 21.70 11.20
N VAL B 11 -5.98 22.68 12.07
CA VAL B 11 -5.83 24.08 11.67
C VAL B 11 -4.68 24.50 10.73
N ASP B 12 -3.44 24.19 11.09
CA ASP B 12 -2.30 24.79 10.43
C ASP B 12 -1.80 23.83 9.38
N THR B 13 -2.30 22.60 9.45
CA THR B 13 -1.94 21.50 8.56
C THR B 13 -1.91 21.78 7.08
N ASN B 14 -0.74 21.58 6.51
CA ASN B 14 -0.57 21.76 5.09
C ASN B 14 -0.71 20.43 4.36
N PRO B 15 -1.72 20.33 3.49
CA PRO B 15 -1.93 19.14 2.65
C PRO B 15 -0.71 18.68 1.86
N ALA B 16 0.21 19.60 1.56
CA ALA B 16 1.44 19.27 0.83
C ALA B 16 2.57 18.72 1.70
N GLU B 17 2.55 19.06 2.98
CA GLU B 17 3.47 18.48 3.97
C GLU B 17 3.13 17.04 4.29
N CYS B 18 1.83 16.78 4.37
CA CYS B 18 1.32 15.44 4.52
C CYS B 18 1.51 14.68 3.23
N CYS B 19 1.54 15.39 2.12
CA CYS B 19 1.85 14.72 0.88
C CYS B 19 2.79 15.52 -0.01
N PRO B 20 4.08 15.19 0.08
CA PRO B 20 5.11 15.72 -0.81
C PRO B 20 4.89 15.21 -2.22
N LYS B 21 3.96 15.89 -2.87
CA LYS B 21 3.58 15.62 -4.23
C LYS B 21 4.79 15.92 -5.10
N PRO B 22 5.03 15.12 -6.15
CA PRO B 22 6.21 15.38 -6.97
C PRO B 22 6.09 16.68 -7.77
N MET B 23 7.21 17.25 -8.17
CA MET B 23 7.16 18.38 -9.09
C MET B 23 7.10 17.79 -10.51
N LEU B 24 5.93 17.88 -11.13
CA LEU B 24 5.73 17.40 -12.50
C LEU B 24 6.11 18.47 -13.54
N VAL B 25 6.05 19.71 -13.09
CA VAL B 25 6.62 20.84 -13.78
C VAL B 25 7.49 21.40 -12.68
N ASP B 26 8.73 21.74 -13.04
CA ASP B 26 9.71 22.23 -12.07
C ASP B 26 9.09 23.23 -11.11
N GLY B 27 9.23 22.97 -9.83
CA GLY B 27 8.58 23.74 -8.79
C GLY B 27 8.88 25.21 -8.84
N THR B 28 10.07 25.54 -9.32
CA THR B 28 10.53 26.91 -9.43
C THR B 28 9.91 27.63 -10.63
N ILE B 29 9.58 26.88 -11.68
CA ILE B 29 8.84 27.40 -12.83
C ILE B 29 7.48 27.93 -12.36
N MET B 30 6.88 27.20 -11.43
CA MET B 30 5.54 27.51 -10.97
C MET B 30 5.50 28.83 -10.22
N MET B 31 6.54 29.08 -9.41
CA MET B 31 6.67 30.32 -8.67
C MET B 31 6.79 31.50 -9.61
N ASP B 32 7.56 31.31 -10.66
CA ASP B 32 7.71 32.32 -11.67
C ASP B 32 6.38 32.61 -12.31
N CYS B 33 5.75 31.57 -12.83
CA CYS B 33 4.47 31.72 -13.50
C CYS B 33 3.42 32.33 -12.56
N TYR B 34 3.42 31.90 -11.31
CA TYR B 34 2.48 32.41 -10.32
C TYR B 34 2.73 33.86 -10.00
N LYS B 35 3.98 34.21 -9.72
CA LYS B 35 4.37 35.56 -9.33
C LYS B 35 3.96 36.59 -10.38
N LYS B 36 4.02 36.17 -11.63
CA LYS B 36 3.63 37.00 -12.77
C LYS B 36 2.11 37.15 -12.88
N TYR B 37 1.43 36.01 -12.96
CA TYR B 37 0.04 35.96 -13.36
C TYR B 37 -0.91 35.53 -12.26
N GLY B 38 -0.45 35.51 -11.03
CA GLY B 38 -1.29 35.04 -9.95
C GLY B 38 -2.49 35.92 -9.77
N GLU B 39 -2.22 37.22 -9.76
CA GLU B 39 -3.23 38.21 -9.43
C GLU B 39 -4.34 38.22 -10.45
N GLN B 40 -3.95 38.03 -11.69
CA GLN B 40 -4.90 38.01 -12.78
C GLN B 40 -5.82 36.81 -12.62
N THR B 41 -5.20 35.67 -12.32
CA THR B 41 -5.93 34.42 -12.15
C THR B 41 -6.89 34.46 -10.97
N LYS B 42 -6.49 35.14 -9.90
CA LYS B 42 -7.31 35.30 -8.70
C LYS B 42 -8.56 36.15 -8.91
N LYS B 43 -8.49 37.10 -9.83
CA LYS B 43 -9.64 37.90 -10.23
C LYS B 43 -10.67 37.03 -10.94
N GLN B 44 -10.24 36.40 -12.00
CA GLN B 44 -11.09 35.54 -12.83
C GLN B 44 -11.84 34.46 -12.04
N LEU B 45 -11.30 34.13 -10.88
CA LEU B 45 -11.94 33.16 -9.99
C LEU B 45 -13.23 33.70 -9.45
N GLN B 46 -13.32 35.02 -9.37
CA GLN B 46 -14.50 35.61 -8.77
C GLN B 46 -15.45 35.98 -9.84
N MET B 47 -14.99 35.89 -11.07
CA MET B 47 -15.81 36.20 -12.20
C MET B 47 -16.70 35.03 -12.57
N ASP B 48 -17.94 35.34 -12.92
CA ASP B 48 -18.91 34.35 -13.36
C ASP B 48 -18.95 34.28 -14.89
N GLY B 49 -19.91 33.53 -15.41
CA GLY B 49 -20.10 33.41 -16.85
C GLY B 49 -19.26 32.29 -17.44
N ILE B 50 -18.91 32.39 -18.73
CA ILE B 50 -17.96 31.46 -19.36
C ILE B 50 -16.66 31.32 -18.54
N PRO B 51 -16.25 30.07 -18.28
CA PRO B 51 -14.99 29.87 -17.57
C PRO B 51 -13.75 30.37 -18.33
N ARG B 52 -12.91 31.13 -17.65
CA ARG B 52 -11.68 31.67 -18.22
C ARG B 52 -10.43 30.82 -17.89
N GLY B 53 -9.55 30.66 -18.88
CA GLY B 53 -8.37 29.82 -18.75
C GLY B 53 -7.31 30.20 -17.72
N CYS B 54 -6.76 29.20 -17.03
CA CYS B 54 -5.68 29.51 -16.10
C CYS B 54 -4.41 29.71 -16.87
N CYS B 55 -3.80 30.88 -16.63
CA CYS B 55 -2.66 31.39 -17.38
C CYS B 55 -1.32 30.90 -16.90
N ILE B 56 -1.26 30.64 -15.60
CA ILE B 56 -0.07 30.11 -14.98
C ILE B 56 0.28 28.78 -15.66
N ALA B 57 -0.71 27.91 -15.79
CA ALA B 57 -0.52 26.62 -16.42
C ALA B 57 -0.08 26.81 -17.84
N GLU B 58 -0.71 27.76 -18.52
CA GLU B 58 -0.40 28.07 -19.90
C GLU B 58 1.01 28.54 -20.07
N CYS B 59 1.39 29.49 -19.23
CA CYS B 59 2.76 30.00 -19.18
C CYS B 59 3.70 28.84 -18.85
N ALA B 60 3.31 27.99 -17.91
CA ALA B 60 4.06 26.81 -17.59
C ALA B 60 4.01 25.85 -18.77
N MET B 61 2.88 25.83 -19.47
CA MET B 61 2.77 24.98 -20.65
C MET B 61 3.54 25.60 -21.79
N ASN B 62 3.64 26.93 -21.79
CA ASN B 62 4.57 27.63 -22.68
C ASN B 62 6.02 27.38 -22.36
N ALA B 63 6.38 27.55 -21.09
CA ALA B 63 7.77 27.49 -20.67
C ALA B 63 8.36 26.11 -20.98
N THR B 64 7.57 25.08 -20.74
CA THR B 64 8.00 23.73 -21.00
C THR B 64 7.64 23.37 -22.43
N ASN B 65 7.13 24.36 -23.16
CA ASN B 65 6.82 24.27 -24.60
C ASN B 65 5.91 23.08 -24.90
N MET B 66 4.89 22.94 -24.06
CA MET B 66 3.94 21.83 -24.10
C MET B 66 2.63 22.26 -24.70
N TYR B 67 2.35 23.55 -24.66
CA TYR B 67 1.13 24.14 -25.21
C TYR B 67 1.44 24.96 -26.44
N ALA B 68 0.64 24.79 -27.49
CA ALA B 68 0.87 25.50 -28.75
C ALA B 68 -0.34 25.53 -29.68
N ASP B 69 -0.72 26.73 -30.11
CA ASP B 69 -1.82 26.98 -31.06
C ASP B 69 -3.16 26.39 -30.61
N GLY B 70 -3.52 26.64 -29.36
CA GLY B 70 -4.78 26.16 -28.83
C GLY B 70 -4.84 24.64 -28.72
N MET B 71 -3.72 23.98 -28.96
CA MET B 71 -3.70 22.53 -28.89
C MET B 71 -2.59 22.04 -27.96
N LEU B 72 -2.97 21.23 -26.99
CA LEU B 72 -2.00 20.69 -26.06
C LEU B 72 -1.46 19.38 -26.63
N LYS B 73 -0.16 19.16 -26.52
CA LYS B 73 0.48 17.96 -27.05
C LYS B 73 0.35 16.83 -26.04
N ARG B 74 -0.75 16.09 -26.12
CA ARG B 74 -1.04 15.01 -25.17
C ARG B 74 0.12 14.01 -24.98
N ASP B 75 0.68 13.51 -26.07
CA ASP B 75 1.73 12.48 -26.00
C ASP B 75 2.92 12.87 -25.16
N ASP B 76 3.47 14.06 -25.43
CA ASP B 76 4.70 14.50 -24.77
C ASP B 76 4.47 14.90 -23.34
N LEU B 77 3.30 15.45 -23.06
CA LEU B 77 2.97 15.84 -21.70
C LEU B 77 2.96 14.59 -20.85
N SER B 78 2.38 13.51 -21.41
CA SER B 78 2.38 12.21 -20.75
C SER B 78 3.79 11.93 -20.35
N LYS B 79 4.68 11.97 -21.34
CA LYS B 79 6.05 11.58 -21.11
C LYS B 79 6.74 12.49 -20.09
N MET B 80 6.45 13.79 -20.14
CA MET B 80 7.08 14.71 -19.20
C MET B 80 6.72 14.33 -17.76
N PHE B 81 5.50 13.82 -17.60
CA PHE B 81 5.04 13.37 -16.29
C PHE B 81 5.81 12.15 -15.78
N MET B 82 6.14 11.21 -16.64
CA MET B 82 6.90 10.05 -16.18
C MET B 82 8.30 10.45 -15.74
N ASP B 83 8.94 11.31 -16.53
CA ASP B 83 10.29 11.77 -16.23
C ASP B 83 10.38 12.52 -14.91
N ALA B 84 9.27 13.10 -14.47
CA ALA B 84 9.28 13.77 -13.19
C ALA B 84 9.29 12.71 -12.10
N VAL B 85 8.59 11.61 -12.36
CA VAL B 85 8.42 10.55 -11.38
C VAL B 85 9.09 9.27 -11.82
N LYS B 86 10.00 9.34 -12.78
CA LYS B 86 10.79 8.14 -13.11
C LYS B 86 11.65 7.77 -11.89
N ASP B 87 11.88 8.74 -11.02
CA ASP B 87 12.73 8.58 -9.85
C ASP B 87 11.88 8.29 -8.62
N LYS B 88 10.60 8.08 -8.88
CA LYS B 88 9.58 7.84 -7.87
C LYS B 88 8.56 6.83 -8.40
N PRO B 89 8.85 5.53 -8.24
CA PRO B 89 8.01 4.45 -8.77
C PRO B 89 6.62 4.44 -8.15
N GLU B 90 6.53 4.94 -6.93
CA GLU B 90 5.27 4.96 -6.22
C GLU B 90 4.21 5.82 -6.88
N TRP B 91 4.64 6.80 -7.68
CA TRP B 91 3.70 7.70 -8.33
C TRP B 91 3.37 7.26 -9.74
N MET B 92 4.23 6.43 -10.32
CA MET B 92 4.12 6.02 -11.72
C MET B 92 2.78 5.37 -12.00
N SER B 93 2.40 4.46 -11.12
CA SER B 93 1.12 3.77 -11.24
C SER B 93 0.07 4.84 -11.24
N LEU B 94 0.18 5.68 -10.23
CA LEU B 94 -0.73 6.78 -10.04
C LEU B 94 -0.68 7.76 -11.21
N VAL B 95 0.52 8.20 -11.58
CA VAL B 95 0.67 9.24 -12.60
C VAL B 95 0.04 8.89 -13.91
N ARG B 96 0.21 7.65 -14.35
CA ARG B 96 -0.39 7.22 -15.59
C ARG B 96 -1.90 7.40 -15.54
N ASP B 97 -2.50 6.96 -14.45
CA ASP B 97 -3.94 7.02 -14.34
C ASP B 97 -4.46 8.44 -14.31
N ALA B 98 -3.90 9.25 -13.42
CA ALA B 98 -4.37 10.61 -13.27
C ALA B 98 -4.27 11.33 -14.62
N THR B 99 -3.23 11.01 -15.37
CA THR B 99 -3.07 11.61 -16.69
C THR B 99 -4.27 11.26 -17.53
N ASN B 100 -4.56 9.97 -17.66
CA ASN B 100 -5.63 9.49 -18.53
C ASN B 100 -7.02 9.86 -18.04
N ALA B 101 -7.15 9.98 -16.72
CA ALA B 101 -8.32 10.56 -16.09
C ALA B 101 -8.50 12.00 -16.53
N CYS B 102 -7.47 12.80 -16.33
CA CYS B 102 -7.51 14.23 -16.64
C CYS B 102 -7.83 14.54 -18.07
N PHE B 103 -7.26 13.78 -19.00
CA PHE B 103 -7.50 14.09 -20.40
C PHE B 103 -8.91 13.81 -20.88
N GLU B 104 -9.42 12.62 -20.60
CA GLU B 104 -10.75 12.26 -21.05
C GLU B 104 -11.83 12.96 -20.23
N LEU B 105 -11.51 13.31 -19.00
CA LEU B 105 -12.41 14.20 -18.25
C LEU B 105 -12.44 15.58 -18.93
N ALA B 106 -11.28 16.06 -19.36
CA ALA B 106 -11.18 17.29 -20.15
C ALA B 106 -11.89 17.13 -21.50
N GLU B 107 -11.98 15.89 -21.96
CA GLU B 107 -12.66 15.57 -23.21
C GLU B 107 -14.16 15.85 -23.07
N LYS B 108 -14.65 15.80 -21.83
CA LYS B 108 -16.08 16.03 -21.57
C LYS B 108 -16.55 17.48 -21.63
N LYS B 109 -15.78 18.40 -21.08
CA LYS B 109 -16.23 19.80 -21.04
C LYS B 109 -15.60 20.64 -22.13
N MET B 110 -15.41 20.02 -23.28
CA MET B 110 -14.66 20.64 -24.35
C MET B 110 -15.35 21.83 -24.99
N ASP B 111 -16.64 21.69 -25.26
CA ASP B 111 -17.39 22.78 -25.84
C ASP B 111 -17.37 23.97 -24.90
N GLU B 112 -17.44 23.73 -23.60
CA GLU B 112 -17.27 24.77 -22.59
C GLU B 112 -15.85 25.33 -22.53
N ILE B 113 -14.86 24.45 -22.67
CA ILE B 113 -13.45 24.86 -22.64
C ILE B 113 -13.16 25.73 -23.84
N GLU B 114 -13.68 25.31 -24.99
CA GLU B 114 -13.50 25.98 -26.28
C GLU B 114 -14.14 27.37 -26.34
N ALA B 115 -15.33 27.50 -25.74
CA ALA B 115 -15.95 28.80 -25.64
C ALA B 115 -15.05 29.73 -24.84
N GLY B 116 -14.43 29.19 -23.80
CA GLY B 116 -13.54 29.97 -22.98
C GLY B 116 -12.42 30.48 -23.84
N ALA B 117 -12.10 29.73 -24.90
CA ALA B 117 -11.01 30.08 -25.80
C ALA B 117 -11.40 31.28 -26.66
N LYS B 118 -12.67 31.60 -26.69
CA LYS B 118 -13.15 32.62 -27.59
C LYS B 118 -13.30 33.96 -26.90
N LEU B 119 -13.18 33.97 -25.58
CA LEU B 119 -13.47 35.19 -24.81
C LEU B 119 -12.57 36.35 -25.16
N GLU B 120 -13.06 37.53 -24.80
CA GLU B 120 -12.36 38.78 -25.04
C GLU B 120 -12.00 39.40 -23.70
N PRO B 121 -10.86 40.08 -23.63
CA PRO B 121 -10.38 40.64 -22.35
C PRO B 121 -11.38 41.56 -21.66
N SER B 122 -11.69 41.25 -20.41
CA SER B 122 -12.70 41.97 -19.65
C SER B 122 -12.28 43.38 -19.23
N PHE B 123 -11.03 43.72 -19.42
CA PHE B 123 -10.56 45.06 -19.09
C PHE B 123 -9.16 45.31 -19.66
N GLU B 124 -8.51 46.36 -19.16
CA GLU B 124 -7.16 46.71 -19.57
C GLU B 124 -6.04 45.85 -18.93
N GLY B 125 -5.24 45.24 -19.80
CA GLY B 125 -4.10 44.42 -19.40
C GLY B 125 -4.36 42.97 -18.99
N GLU B 126 -5.46 42.39 -19.46
CA GLU B 126 -5.71 40.96 -19.29
C GLU B 126 -5.11 40.08 -20.39
N LYS B 127 -4.37 39.04 -20.00
CA LYS B 127 -3.89 38.04 -20.96
C LYS B 127 -4.80 36.83 -21.03
N ILE B 128 -5.33 36.56 -22.22
CA ILE B 128 -6.24 35.43 -22.42
C ILE B 128 -5.55 34.11 -22.75
N CYS B 129 -5.78 33.13 -21.87
CA CYS B 129 -5.19 31.80 -21.88
C CYS B 129 -6.17 30.73 -22.31
N HIS B 130 -5.67 29.63 -22.85
CA HIS B 130 -6.51 28.49 -23.16
C HIS B 130 -6.81 27.75 -21.87
N PRO B 131 -8.09 27.45 -21.63
CA PRO B 131 -8.43 26.81 -20.36
C PRO B 131 -7.92 25.40 -20.26
N ILE B 132 -7.46 24.82 -21.36
CA ILE B 132 -7.02 23.45 -21.36
C ILE B 132 -5.79 23.24 -20.48
N SER B 133 -4.86 24.18 -20.52
CA SER B 133 -3.60 24.10 -19.81
C SER B 133 -3.83 23.97 -18.32
N GLY B 134 -4.59 24.91 -17.78
CA GLY B 134 -4.91 24.95 -16.36
C GLY B 134 -5.88 23.88 -15.92
N THR B 135 -6.63 23.38 -16.88
CA THR B 135 -7.56 22.29 -16.65
C THR B 135 -6.88 20.99 -16.26
N ILE B 136 -5.92 20.54 -17.06
CA ILE B 136 -5.30 19.27 -16.78
C ILE B 136 -4.60 19.33 -15.42
N LEU B 137 -3.85 20.39 -15.17
CA LEU B 137 -3.01 20.45 -13.98
C LEU B 137 -3.72 20.57 -12.64
N ARG B 138 -4.90 21.19 -12.58
CA ARG B 138 -5.63 21.16 -11.30
C ARG B 138 -6.09 19.74 -11.06
N CYS B 139 -6.67 19.16 -12.10
CA CYS B 139 -7.08 17.77 -12.03
C CYS B 139 -5.94 16.91 -11.50
N MET B 140 -4.78 17.02 -12.14
CA MET B 140 -3.59 16.27 -11.77
C MET B 140 -3.27 16.41 -10.30
N GLY B 141 -3.33 17.65 -9.81
CA GLY B 141 -2.99 17.96 -8.43
C GLY B 141 -3.93 17.34 -7.44
N MET B 142 -5.23 17.43 -7.73
CA MET B 142 -6.23 16.88 -6.85
C MET B 142 -6.18 15.36 -6.87
N MET B 143 -6.04 14.79 -8.06
CA MET B 143 -5.89 13.35 -8.24
C MET B 143 -4.78 12.70 -7.45
N MET B 144 -3.63 13.33 -7.39
CA MET B 144 -2.50 12.70 -6.75
C MET B 144 -2.45 12.92 -5.25
N PHE B 145 -2.97 14.06 -4.81
CA PHE B 145 -3.22 14.23 -3.40
C PHE B 145 -4.22 13.15 -3.00
N ALA B 146 -5.33 13.07 -3.73
CA ALA B 146 -6.45 12.21 -3.36
C ALA B 146 -6.03 10.75 -3.24
N GLN B 147 -5.15 10.32 -4.14
CA GLN B 147 -4.70 8.95 -4.19
C GLN B 147 -3.25 8.82 -3.78
N CYS B 148 -2.76 9.78 -3.01
CA CYS B 148 -1.38 9.80 -2.53
C CYS B 148 -1.00 8.44 -1.96
N PRO B 149 0.07 7.83 -2.48
CA PRO B 149 0.57 6.49 -2.12
C PRO B 149 0.97 6.34 -0.64
N ALA B 150 0.39 5.32 -0.01
CA ALA B 150 0.52 5.00 1.41
C ALA B 150 1.95 4.91 1.99
N SER B 151 2.94 4.60 1.17
CA SER B 151 4.31 4.61 1.69
C SER B 151 4.84 6.03 1.88
N VAL B 152 4.25 7.01 1.19
CA VAL B 152 4.79 8.37 1.16
C VAL B 152 4.04 9.31 2.09
N PHE B 153 2.80 8.99 2.39
CA PHE B 153 2.03 9.77 3.34
C PHE B 153 2.76 9.83 4.67
N ASN B 154 2.83 11.04 5.24
CA ASN B 154 3.40 11.22 6.57
C ASN B 154 2.34 10.95 7.61
N VAL B 155 2.58 10.00 8.50
CA VAL B 155 1.54 9.65 9.45
C VAL B 155 1.69 10.39 10.80
N ASN B 156 0.58 11.00 11.25
CA ASN B 156 0.46 11.63 12.55
C ASN B 156 -1.02 11.98 12.83
N GLU B 157 -1.35 12.33 14.07
CA GLU B 157 -2.71 12.79 14.43
C GLU B 157 -3.28 13.76 13.40
N ASN B 158 -2.46 14.72 12.97
CA ASN B 158 -2.95 15.72 12.06
C ASN B 158 -3.11 15.16 10.67
N CYS B 159 -2.03 14.60 10.13
CA CYS B 159 -2.08 14.12 8.77
C CYS B 159 -3.17 13.07 8.63
N ASN B 160 -3.47 12.38 9.71
CA ASN B 160 -4.56 11.43 9.68
C ASN B 160 -5.92 12.05 9.79
N LYS B 161 -6.10 12.99 10.72
CA LYS B 161 -7.40 13.62 10.84
C LYS B 161 -7.69 14.35 9.56
N LEU B 162 -6.65 14.98 9.05
CA LEU B 162 -6.75 15.68 7.79
C LEU B 162 -7.21 14.68 6.75
N ARG B 163 -6.50 13.55 6.68
CA ARG B 163 -6.89 12.52 5.76
C ARG B 163 -8.33 12.09 5.97
N GLU B 164 -8.65 11.76 7.21
CA GLU B 164 -10.00 11.35 7.58
C GLU B 164 -11.02 12.42 7.25
N TYR B 165 -10.62 13.67 7.47
CA TYR B 165 -11.46 14.80 7.12
C TYR B 165 -11.72 14.69 5.63
N GLY B 166 -10.66 14.74 4.85
CA GLY B 166 -10.77 14.72 3.41
C GLY B 166 -11.47 13.56 2.73
N SER B 167 -11.53 12.39 3.36
CA SER B 167 -12.17 11.24 2.70
C SER B 167 -13.66 11.14 2.97
N ILE B 168 -14.00 11.35 4.23
CA ILE B 168 -15.34 11.10 4.70
C ILE B 168 -16.22 12.33 4.60
N CYS B 169 -15.71 13.50 4.94
CA CYS B 169 -16.55 14.68 4.87
C CYS B 169 -17.20 14.95 3.49
N PRO B 170 -16.45 14.77 2.37
CA PRO B 170 -17.07 14.95 1.05
C PRO B 170 -18.35 14.14 0.80
N MET B 171 -18.46 12.96 1.39
CA MET B 171 -19.58 12.10 1.11
C MET B 171 -20.75 12.43 2.01
N ILE B 172 -20.52 13.35 2.94
CA ILE B 172 -21.58 13.82 3.84
C ILE B 172 -21.95 15.26 3.54
N GLY C 1 26.13 -5.36 -8.77
CA GLY C 1 25.58 -5.18 -10.10
C GLY C 1 24.87 -6.41 -10.62
N ASP C 2 25.62 -7.26 -11.34
CA ASP C 2 25.11 -8.51 -11.92
C ASP C 2 24.75 -9.54 -10.85
N ASN C 3 25.64 -9.74 -9.88
CA ASN C 3 25.39 -10.64 -8.77
C ASN C 3 25.08 -9.89 -7.47
N PRO C 4 23.79 -9.66 -7.19
CA PRO C 4 23.52 -8.93 -5.95
C PRO C 4 23.69 -9.85 -4.75
N CYS C 5 23.39 -11.14 -4.96
CA CYS C 5 23.36 -12.12 -3.88
C CYS C 5 24.77 -12.64 -3.60
N ALA C 6 25.70 -12.17 -4.41
CA ALA C 6 27.11 -12.30 -4.09
C ALA C 6 27.43 -11.35 -2.95
N ALA C 7 27.07 -10.08 -3.15
CA ALA C 7 27.41 -9.01 -2.22
C ALA C 7 27.01 -9.28 -0.77
N GLY C 8 25.85 -9.92 -0.58
CA GLY C 8 25.33 -10.07 0.75
C GLY C 8 24.49 -8.85 1.09
N PRO C 9 24.19 -8.69 2.38
CA PRO C 9 23.33 -7.59 2.84
C PRO C 9 24.00 -6.22 2.77
N PRO C 10 23.20 -5.15 2.94
CA PRO C 10 23.67 -3.79 3.23
C PRO C 10 24.27 -3.75 4.63
N VAL C 11 25.34 -3.00 4.81
CA VAL C 11 26.16 -3.17 6.00
C VAL C 11 25.50 -2.77 7.34
N ASP C 12 25.13 -1.51 7.48
CA ASP C 12 24.72 -1.02 8.78
C ASP C 12 23.22 -0.86 8.79
N THR C 13 22.54 -1.76 8.11
CA THR C 13 21.11 -1.65 8.03
C THR C 13 20.41 -2.55 9.04
N ASN C 14 19.62 -1.93 9.90
CA ASN C 14 18.83 -2.66 10.89
C ASN C 14 17.40 -2.86 10.40
N PRO C 15 17.02 -4.12 10.17
CA PRO C 15 15.66 -4.46 9.73
C PRO C 15 14.55 -3.89 10.61
N ALA C 16 14.81 -3.63 11.88
CA ALA C 16 13.76 -3.05 12.71
C ALA C 16 13.63 -1.54 12.45
N GLU C 17 14.76 -0.93 12.04
CA GLU C 17 14.77 0.44 11.53
C GLU C 17 14.19 0.52 10.12
N CYS C 18 14.43 -0.50 9.30
CA CYS C 18 13.76 -0.56 8.01
C CYS C 18 12.32 -0.89 8.16
N CYS C 19 12.01 -1.68 9.16
CA CYS C 19 10.63 -2.00 9.37
C CYS C 19 10.28 -2.09 10.85
N PRO C 20 9.66 -1.03 11.36
CA PRO C 20 9.18 -0.93 12.75
C PRO C 20 8.06 -1.94 13.11
N LYS C 21 8.47 -3.19 13.27
CA LYS C 21 7.55 -4.27 13.62
C LYS C 21 7.10 -4.19 15.09
N PRO C 22 5.80 -4.37 15.35
CA PRO C 22 5.12 -4.32 16.65
C PRO C 22 5.34 -5.50 17.60
N MET C 23 4.99 -5.28 18.85
CA MET C 23 4.97 -6.32 19.87
C MET C 23 3.71 -7.19 19.84
N LEU C 24 3.85 -8.45 19.48
CA LEU C 24 2.70 -9.33 19.65
C LEU C 24 2.67 -9.84 21.09
N VAL C 25 3.85 -9.84 21.71
CA VAL C 25 4.01 -10.05 23.13
C VAL C 25 4.89 -8.92 23.64
N ASP C 26 4.54 -8.36 24.80
CA ASP C 26 5.24 -7.21 25.38
C ASP C 26 6.77 -7.23 25.29
N GLY C 27 7.32 -6.15 24.76
CA GLY C 27 8.74 -6.08 24.51
C GLY C 27 9.60 -6.33 25.73
N THR C 28 9.15 -5.91 26.92
CA THR C 28 10.00 -6.10 28.11
C THR C 28 10.00 -7.56 28.60
N ILE C 29 8.94 -8.32 28.33
CA ILE C 29 8.92 -9.75 28.68
C ILE C 29 10.04 -10.53 27.98
N MET C 30 10.23 -10.27 26.69
CA MET C 30 11.22 -10.98 25.89
C MET C 30 12.65 -10.58 26.28
N MET C 31 12.84 -9.31 26.65
CA MET C 31 14.16 -8.82 27.07
C MET C 31 14.55 -9.65 28.26
N ASP C 32 13.56 -9.79 29.14
CA ASP C 32 13.65 -10.56 30.35
C ASP C 32 13.87 -12.01 29.96
N CYS C 33 12.98 -12.50 29.10
CA CYS C 33 13.03 -13.89 28.64
C CYS C 33 14.34 -14.24 27.96
N TYR C 34 14.85 -13.33 27.15
CA TYR C 34 16.09 -13.60 26.46
C TYR C 34 17.21 -13.67 27.47
N LYS C 35 17.32 -12.64 28.31
CA LYS C 35 18.41 -12.55 29.29
C LYS C 35 18.43 -13.78 30.18
N LYS C 36 17.24 -14.32 30.45
CA LYS C 36 17.14 -15.54 31.23
C LYS C 36 17.66 -16.73 30.42
N TYR C 37 17.10 -16.92 29.22
CA TYR C 37 17.34 -18.14 28.47
C TYR C 37 18.12 -17.98 27.19
N GLY C 38 18.72 -16.82 26.99
CA GLY C 38 19.48 -16.52 25.78
C GLY C 38 20.69 -17.39 25.57
N GLU C 39 21.47 -17.59 26.63
CA GLU C 39 22.75 -18.29 26.55
C GLU C 39 22.60 -19.77 26.17
N GLN C 40 21.57 -20.43 26.71
CA GLN C 40 21.22 -21.82 26.43
C GLN C 40 20.71 -22.09 25.02
N THR C 41 19.82 -21.21 24.55
CA THR C 41 19.21 -21.30 23.23
C THR C 41 20.28 -21.16 22.16
N LYS C 42 21.26 -20.31 22.41
CA LYS C 42 22.36 -20.11 21.49
C LYS C 42 23.25 -21.34 21.40
N LYS C 43 23.36 -22.11 22.47
CA LYS C 43 23.98 -23.43 22.40
C LYS C 43 23.09 -24.38 21.63
N GLN C 44 21.86 -24.57 22.11
CA GLN C 44 20.94 -25.50 21.50
C GLN C 44 20.79 -25.26 20.00
N LEU C 45 21.08 -24.03 19.56
CA LEU C 45 21.00 -23.72 18.13
C LEU C 45 22.04 -24.47 17.30
N GLN C 46 23.16 -24.77 17.93
CA GLN C 46 24.26 -25.40 17.23
C GLN C 46 24.27 -26.91 17.40
N MET C 47 23.31 -27.43 18.14
CA MET C 47 23.17 -28.87 18.26
C MET C 47 22.50 -29.52 17.07
N ASP C 48 22.86 -30.78 16.84
CA ASP C 48 22.30 -31.55 15.75
C ASP C 48 21.03 -32.25 16.20
N GLY C 49 20.52 -33.10 15.32
CA GLY C 49 19.47 -34.02 15.68
C GLY C 49 18.12 -33.36 15.72
N ILE C 50 17.23 -33.95 16.50
CA ILE C 50 15.99 -33.30 16.84
C ILE C 50 16.23 -31.91 17.42
N PRO C 51 15.53 -30.91 16.88
CA PRO C 51 15.53 -29.53 17.39
C PRO C 51 14.96 -29.45 18.81
N ARG C 52 15.61 -28.64 19.65
CA ARG C 52 15.23 -28.44 21.04
C ARG C 52 14.32 -27.23 21.22
N GLY C 53 13.33 -27.33 22.09
CA GLY C 53 12.37 -26.25 22.24
C GLY C 53 13.00 -24.95 22.67
N CYS C 54 12.55 -23.85 22.08
CA CYS C 54 13.09 -22.54 22.41
C CYS C 54 12.54 -22.08 23.75
N CYS C 55 13.43 -21.84 24.71
CA CYS C 55 13.01 -21.58 26.09
C CYS C 55 12.60 -20.14 26.31
N ILE C 56 13.15 -19.27 25.50
CA ILE C 56 12.68 -17.91 25.55
C ILE C 56 11.19 -18.00 25.23
N ALA C 57 10.86 -18.70 24.16
CA ALA C 57 9.48 -18.80 23.70
C ALA C 57 8.49 -19.40 24.71
N GLU C 58 8.86 -20.48 25.38
CA GLU C 58 7.95 -21.04 26.38
C GLU C 58 7.84 -20.10 27.59
N CYS C 59 8.98 -19.52 28.00
CA CYS C 59 8.99 -18.56 29.10
C CYS C 59 8.07 -17.36 28.83
N ALA C 60 8.05 -16.89 27.59
CA ALA C 60 7.17 -15.80 27.21
C ALA C 60 5.69 -16.16 27.23
N MET C 61 5.37 -17.35 26.76
CA MET C 61 3.99 -17.78 26.65
C MET C 61 3.40 -18.17 27.98
N ASN C 62 4.27 -18.64 28.87
CA ASN C 62 3.95 -18.90 30.26
C ASN C 62 3.54 -17.62 30.96
N ALA C 63 4.34 -16.59 30.76
CA ALA C 63 4.14 -15.30 31.39
C ALA C 63 2.80 -14.71 30.99
N THR C 64 2.41 -14.89 29.75
CA THR C 64 1.14 -14.36 29.26
C THR C 64 0.02 -15.36 29.53
N ASN C 65 0.37 -16.43 30.24
CA ASN C 65 -0.61 -17.43 30.64
C ASN C 65 -1.36 -17.96 29.43
N MET C 66 -0.59 -18.29 28.40
CA MET C 66 -1.13 -18.84 27.17
C MET C 66 -0.77 -20.31 27.02
N TYR C 67 0.27 -20.73 27.74
CA TYR C 67 0.72 -22.11 27.65
C TYR C 67 0.33 -22.88 28.90
N ALA C 68 -0.19 -24.09 28.68
CA ALA C 68 -0.65 -24.92 29.79
C ALA C 68 -0.79 -26.39 29.36
N ASP C 69 -0.17 -27.30 30.10
CA ASP C 69 -0.26 -28.74 29.82
C ASP C 69 0.23 -29.10 28.40
N GLY C 70 1.42 -28.63 28.02
CA GLY C 70 1.96 -28.92 26.70
C GLY C 70 1.18 -28.24 25.59
N MET C 71 0.30 -27.32 25.99
CA MET C 71 -0.64 -26.68 25.09
C MET C 71 -0.58 -25.16 25.05
N LEU C 72 -0.44 -24.63 23.85
CA LEU C 72 -0.51 -23.21 23.62
C LEU C 72 -1.97 -22.92 23.29
N LYS C 73 -2.55 -21.87 23.86
CA LYS C 73 -3.96 -21.62 23.53
C LYS C 73 -4.09 -20.79 22.26
N ARG C 74 -4.10 -21.49 21.12
CA ARG C 74 -4.23 -20.90 19.80
C ARG C 74 -5.36 -19.90 19.76
N ASP C 75 -6.49 -20.37 20.29
CA ASP C 75 -7.74 -19.63 20.36
C ASP C 75 -7.53 -18.34 21.11
N ASP C 76 -6.94 -18.46 22.29
CA ASP C 76 -6.70 -17.32 23.16
C ASP C 76 -5.53 -16.49 22.68
N LEU C 77 -4.55 -17.17 22.09
CA LEU C 77 -3.34 -16.55 21.55
C LEU C 77 -3.64 -15.60 20.40
N SER C 78 -4.53 -16.02 19.51
CA SER C 78 -4.96 -15.18 18.38
C SER C 78 -5.44 -13.86 18.90
N LYS C 79 -6.44 -13.86 19.79
CA LYS C 79 -7.05 -12.61 20.20
C LYS C 79 -6.01 -11.78 20.94
N MET C 80 -5.12 -12.46 21.63
CA MET C 80 -4.04 -11.78 22.31
C MET C 80 -3.27 -10.98 21.29
N PHE C 81 -3.09 -11.59 20.12
CA PHE C 81 -2.42 -10.98 19.00
C PHE C 81 -3.28 -9.91 18.33
N MET C 82 -4.57 -10.16 18.25
CA MET C 82 -5.49 -9.25 17.60
C MET C 82 -5.51 -7.92 18.37
N ASP C 83 -5.47 -8.02 19.70
CA ASP C 83 -5.44 -6.87 20.61
C ASP C 83 -4.22 -5.94 20.51
N ALA C 84 -3.08 -6.46 20.07
CA ALA C 84 -1.89 -5.62 20.00
C ALA C 84 -2.00 -4.62 18.87
N VAL C 85 -2.73 -5.01 17.84
CA VAL C 85 -2.81 -4.24 16.63
C VAL C 85 -4.14 -3.55 16.56
N LYS C 86 -4.79 -3.45 17.71
CA LYS C 86 -5.97 -2.61 17.82
C LYS C 86 -5.55 -1.17 17.56
N ASP C 87 -4.27 -0.88 17.78
CA ASP C 87 -3.72 0.48 17.68
C ASP C 87 -2.91 0.80 16.42
N LYS C 88 -2.81 -0.16 15.52
CA LYS C 88 -2.04 -0.05 14.27
C LYS C 88 -2.75 -0.86 13.18
N PRO C 89 -3.73 -0.26 12.50
CA PRO C 89 -4.59 -0.99 11.58
C PRO C 89 -3.89 -1.61 10.38
N GLU C 90 -2.78 -1.02 9.96
CA GLU C 90 -2.05 -1.54 8.82
C GLU C 90 -1.50 -2.93 9.11
N TRP C 91 -1.39 -3.26 10.39
CA TRP C 91 -0.86 -4.54 10.80
C TRP C 91 -1.98 -5.55 11.01
N MET C 92 -3.19 -5.04 11.25
CA MET C 92 -4.32 -5.89 11.59
C MET C 92 -4.52 -6.92 10.51
N SER C 93 -4.42 -6.43 9.28
CA SER C 93 -4.59 -7.25 8.11
C SER C 93 -3.63 -8.43 8.11
N LEU C 94 -2.34 -8.14 8.29
CA LEU C 94 -1.29 -9.16 8.23
C LEU C 94 -1.37 -10.24 9.30
N VAL C 95 -1.49 -9.79 10.55
CA VAL C 95 -1.48 -10.64 11.74
C VAL C 95 -2.56 -11.70 11.74
N ARG C 96 -3.73 -11.31 11.31
CA ARG C 96 -4.82 -12.24 11.16
C ARG C 96 -4.44 -13.39 10.23
N ASP C 97 -3.84 -13.01 9.11
CA ASP C 97 -3.45 -13.92 8.07
C ASP C 97 -2.31 -14.82 8.51
N ALA C 98 -1.28 -14.18 9.04
CA ALA C 98 -0.07 -14.88 9.50
C ALA C 98 -0.35 -15.94 10.57
N THR C 99 -1.36 -15.70 11.41
CA THR C 99 -1.68 -16.59 12.52
C THR C 99 -2.00 -18.01 12.09
N ASN C 100 -2.96 -18.19 11.20
CA ASN C 100 -3.38 -19.52 10.75
C ASN C 100 -2.32 -20.16 9.89
N ALA C 101 -1.57 -19.33 9.18
CA ALA C 101 -0.39 -19.81 8.48
C ALA C 101 0.55 -20.45 9.47
N CYS C 102 0.96 -19.68 10.46
CA CYS C 102 1.90 -20.20 11.44
C CYS C 102 1.40 -21.46 12.12
N PHE C 103 0.13 -21.45 12.47
CA PHE C 103 -0.45 -22.55 13.21
C PHE C 103 -0.61 -23.78 12.37
N GLU C 104 -1.17 -23.61 11.18
CA GLU C 104 -1.40 -24.75 10.30
C GLU C 104 -0.09 -25.24 9.71
N LEU C 105 0.84 -24.33 9.50
CA LEU C 105 2.20 -24.69 9.12
C LEU C 105 2.87 -25.48 10.25
N ALA C 106 2.65 -25.05 11.49
CA ALA C 106 3.15 -25.78 12.65
C ALA C 106 2.56 -27.19 12.74
N GLU C 107 1.37 -27.36 12.16
CA GLU C 107 0.67 -28.65 12.12
C GLU C 107 1.40 -29.68 11.27
N LYS C 108 2.23 -29.20 10.36
CA LYS C 108 2.97 -30.09 9.48
C LYS C 108 4.09 -30.78 10.25
N LYS C 109 4.75 -30.03 11.12
CA LYS C 109 5.89 -30.59 11.86
C LYS C 109 5.49 -30.99 13.26
N MET C 110 4.28 -31.52 13.39
CA MET C 110 3.75 -31.88 14.69
C MET C 110 4.54 -33.06 15.25
N ASP C 111 4.76 -34.03 14.38
CA ASP C 111 5.49 -35.24 14.73
C ASP C 111 6.94 -34.98 15.15
N GLU C 112 7.61 -34.06 14.46
CA GLU C 112 8.94 -33.59 14.84
C GLU C 112 8.94 -32.74 16.12
N ILE C 113 7.94 -31.89 16.28
CA ILE C 113 7.79 -31.10 17.51
C ILE C 113 7.43 -32.03 18.66
N GLU C 114 6.61 -33.03 18.39
CA GLU C 114 6.22 -33.99 19.41
C GLU C 114 7.46 -34.70 19.92
N ALA C 115 8.34 -35.04 18.98
CA ALA C 115 9.66 -35.59 19.31
C ALA C 115 10.53 -34.61 20.07
N GLY C 116 10.50 -33.37 19.64
CA GLY C 116 11.29 -32.35 20.28
C GLY C 116 10.89 -32.16 21.72
N ALA C 117 9.61 -32.34 22.00
CA ALA C 117 9.07 -32.06 23.32
C ALA C 117 9.43 -33.07 24.41
N LYS C 118 9.87 -34.26 24.02
CA LYS C 118 10.00 -35.38 24.94
C LYS C 118 11.42 -35.53 25.48
N LEU C 119 12.35 -34.76 24.92
CA LEU C 119 13.79 -34.86 25.20
C LEU C 119 14.26 -34.59 26.63
N GLU C 120 15.48 -35.04 26.92
CA GLU C 120 16.14 -34.85 28.20
C GLU C 120 17.33 -33.92 28.07
N PRO C 121 17.63 -33.16 29.14
CA PRO C 121 18.66 -32.12 29.14
C PRO C 121 20.06 -32.57 28.71
N SER C 122 20.56 -31.90 27.70
CA SER C 122 21.80 -32.26 27.05
C SER C 122 23.02 -32.06 27.95
N PHE C 123 22.83 -31.35 29.06
CA PHE C 123 23.89 -31.16 30.02
C PHE C 123 23.29 -30.62 31.30
N GLU C 124 24.14 -30.17 32.22
CA GLU C 124 23.64 -29.66 33.49
C GLU C 124 23.03 -28.27 33.40
N GLY C 125 21.76 -28.22 33.78
CA GLY C 125 20.96 -27.01 33.78
C GLY C 125 20.34 -26.66 32.45
N GLU C 126 20.17 -27.65 31.57
CA GLU C 126 19.42 -27.41 30.34
C GLU C 126 17.94 -27.61 30.63
N LYS C 127 17.15 -26.61 30.30
CA LYS C 127 15.71 -26.73 30.46
C LYS C 127 15.06 -27.16 29.18
N ILE C 128 14.37 -28.30 29.21
CA ILE C 128 13.69 -28.78 28.02
C ILE C 128 12.27 -28.18 27.98
N CYS C 129 12.06 -27.32 26.99
CA CYS C 129 10.84 -26.54 26.83
C CYS C 129 10.07 -27.12 25.66
N HIS C 130 8.77 -26.95 25.63
CA HIS C 130 8.04 -27.41 24.47
C HIS C 130 8.25 -26.47 23.29
N PRO C 131 8.69 -27.04 22.17
CA PRO C 131 9.08 -26.30 20.96
C PRO C 131 7.92 -25.64 20.25
N ILE C 132 6.69 -25.91 20.68
CA ILE C 132 5.55 -25.36 19.99
C ILE C 132 5.55 -23.83 20.03
N SER C 133 5.92 -23.27 21.17
CA SER C 133 5.94 -21.82 21.37
C SER C 133 6.88 -21.19 20.37
N GLY C 134 8.10 -21.72 20.32
CA GLY C 134 9.16 -21.21 19.49
C GLY C 134 8.91 -21.39 18.01
N THR C 135 8.02 -22.33 17.69
CA THR C 135 7.54 -22.45 16.32
C THR C 135 6.75 -21.22 16.01
N ILE C 136 5.71 -21.02 16.81
CA ILE C 136 4.77 -19.96 16.60
C ILE C 136 5.44 -18.63 16.75
N LEU C 137 6.23 -18.46 17.79
CA LEU C 137 6.79 -17.14 18.04
C LEU C 137 7.86 -16.74 17.04
N ARG C 138 8.65 -17.71 16.58
CA ARG C 138 9.55 -17.44 15.45
C ARG C 138 8.79 -17.26 14.17
N CYS C 139 7.91 -18.21 13.87
CA CYS C 139 7.08 -18.13 12.68
C CYS C 139 6.43 -16.77 12.51
N MET C 140 5.70 -16.33 13.51
CA MET C 140 5.05 -15.02 13.49
C MET C 140 6.04 -13.92 13.18
N GLY C 141 7.20 -13.97 13.81
CA GLY C 141 8.22 -12.95 13.63
C GLY C 141 8.78 -12.88 12.24
N MET C 142 9.09 -14.03 11.67
CA MET C 142 9.66 -14.10 10.34
C MET C 142 8.62 -13.57 9.36
N MET C 143 7.39 -13.99 9.59
CA MET C 143 6.22 -13.58 8.81
C MET C 143 6.06 -12.06 8.69
N MET C 144 6.40 -11.34 9.75
CA MET C 144 6.13 -9.91 9.77
C MET C 144 7.20 -9.09 9.04
N PHE C 145 8.43 -9.58 9.01
CA PHE C 145 9.42 -9.04 8.08
C PHE C 145 8.93 -9.23 6.65
N ALA C 146 8.53 -10.45 6.33
CA ALA C 146 8.28 -10.88 4.95
C ALA C 146 7.28 -10.01 4.21
N GLN C 147 6.19 -9.64 4.87
CA GLN C 147 5.16 -8.85 4.22
C GLN C 147 4.95 -7.44 4.81
N CYS C 148 6.02 -6.83 5.31
CA CYS C 148 6.01 -5.49 5.91
C CYS C 148 5.07 -4.53 5.22
N PRO C 149 4.21 -3.87 6.01
CA PRO C 149 3.23 -2.95 5.46
C PRO C 149 3.87 -1.82 4.71
N ALA C 150 3.49 -1.67 3.45
CA ALA C 150 4.02 -0.63 2.59
C ALA C 150 3.85 0.71 3.26
N SER C 151 2.83 0.80 4.11
CA SER C 151 2.62 2.00 4.90
C SER C 151 3.61 2.17 6.06
N VAL C 152 4.22 1.10 6.57
CA VAL C 152 5.10 1.24 7.74
C VAL C 152 6.59 1.14 7.41
N PHE C 153 6.91 0.48 6.30
CA PHE C 153 8.28 0.30 5.87
C PHE C 153 9.00 1.63 5.85
N ASN C 154 10.21 1.65 6.38
CA ASN C 154 11.03 2.83 6.27
C ASN C 154 11.79 2.76 4.97
N VAL C 155 11.56 3.75 4.12
CA VAL C 155 12.18 3.80 2.82
C VAL C 155 13.42 4.70 2.79
N ASN C 156 14.50 4.15 2.25
CA ASN C 156 15.74 4.88 2.00
C ASN C 156 16.66 4.05 1.11
N GLU C 157 17.71 4.68 0.58
CA GLU C 157 18.71 3.98 -0.23
C GLU C 157 19.14 2.66 0.42
N ASN C 158 19.28 2.64 1.74
CA ASN C 158 19.70 1.39 2.37
C ASN C 158 18.55 0.40 2.42
N CYS C 159 17.47 0.80 3.08
CA CYS C 159 16.32 -0.06 3.29
C CYS C 159 15.74 -0.54 1.99
N ASN C 160 16.00 0.22 0.92
CA ASN C 160 15.58 -0.24 -0.37
C ASN C 160 16.49 -1.34 -0.81
N LYS C 161 17.78 -1.17 -0.61
CA LYS C 161 18.69 -2.23 -1.00
C LYS C 161 18.35 -3.44 -0.15
N LEU C 162 18.04 -3.19 1.13
CA LEU C 162 17.66 -4.28 2.00
C LEU C 162 16.40 -5.03 1.55
N ARG C 163 15.31 -4.32 1.31
CA ARG C 163 14.14 -5.02 0.84
C ARG C 163 14.47 -5.75 -0.47
N GLU C 164 15.19 -5.08 -1.37
CA GLU C 164 15.60 -5.65 -2.64
C GLU C 164 16.40 -6.94 -2.53
N TYR C 165 17.33 -6.97 -1.59
CA TYR C 165 18.15 -8.14 -1.35
C TYR C 165 17.25 -9.29 -0.95
N GLY C 166 16.62 -9.15 0.21
CA GLY C 166 15.78 -10.20 0.74
C GLY C 166 14.63 -10.62 -0.13
N SER C 167 14.19 -9.74 -1.02
CA SER C 167 12.99 -10.01 -1.82
C SER C 167 13.30 -10.81 -3.08
N ILE C 168 14.42 -10.46 -3.71
CA ILE C 168 14.79 -11.06 -4.94
C ILE C 168 15.71 -12.25 -4.74
N CYS C 169 16.79 -12.04 -4.00
CA CYS C 169 17.84 -13.04 -3.87
C CYS C 169 17.57 -14.47 -3.37
N PRO C 170 16.61 -14.68 -2.43
CA PRO C 170 16.41 -16.07 -2.01
C PRO C 170 16.18 -17.03 -3.17
N MET C 171 15.53 -16.55 -4.21
CA MET C 171 15.20 -17.38 -5.35
C MET C 171 16.33 -17.26 -6.36
N ILE C 172 17.27 -16.36 -6.06
CA ILE C 172 18.45 -16.17 -6.91
C ILE C 172 19.70 -16.64 -6.17
N GLY D 1 1.57 35.13 0.19
CA GLY D 1 1.79 35.92 -1.00
C GLY D 1 2.30 35.09 -2.17
N ASP D 2 3.62 35.02 -2.30
CA ASP D 2 4.28 34.22 -3.34
C ASP D 2 4.04 32.72 -3.16
N ASN D 3 4.22 32.25 -1.93
CA ASN D 3 4.00 30.83 -1.64
C ASN D 3 2.68 30.62 -0.90
N PRO D 4 1.58 30.43 -1.65
CA PRO D 4 0.33 30.21 -0.91
C PRO D 4 0.29 28.79 -0.39
N CYS D 5 0.94 27.90 -1.13
CA CYS D 5 0.88 26.47 -0.89
C CYS D 5 1.85 26.03 0.19
N ALA D 6 2.67 26.97 0.64
CA ALA D 6 3.42 26.76 1.86
C ALA D 6 2.47 26.89 3.06
N ALA D 7 1.83 28.05 3.15
CA ALA D 7 0.98 28.41 4.28
C ALA D 7 -0.13 27.38 4.54
N GLY D 8 -0.64 26.80 3.46
CA GLY D 8 -1.80 25.96 3.59
C GLY D 8 -3.03 26.86 3.47
N PRO D 9 -4.19 26.34 3.86
CA PRO D 9 -5.50 26.97 3.75
C PRO D 9 -5.70 28.16 4.70
N PRO D 10 -6.82 28.91 4.56
CA PRO D 10 -7.28 29.87 5.58
C PRO D 10 -7.74 29.17 6.86
N VAL D 11 -7.52 29.84 8.00
CA VAL D 11 -7.51 29.11 9.25
C VAL D 11 -8.88 28.48 9.55
N ASP D 12 -9.92 29.27 9.70
CA ASP D 12 -11.14 28.67 10.21
C ASP D 12 -12.24 28.57 9.17
N THR D 13 -11.90 28.30 7.91
CA THR D 13 -12.95 28.21 6.91
C THR D 13 -13.41 26.76 6.74
N ASN D 14 -14.69 26.53 7.02
CA ASN D 14 -15.28 25.21 6.85
C ASN D 14 -15.91 25.26 5.46
N PRO D 15 -15.39 24.43 4.56
CA PRO D 15 -15.84 24.31 3.16
C PRO D 15 -17.33 24.12 2.97
N ALA D 16 -18.05 23.61 3.96
CA ALA D 16 -19.49 23.43 3.79
C ALA D 16 -20.19 24.77 3.96
N GLU D 17 -19.55 25.68 4.69
CA GLU D 17 -19.98 27.09 4.77
C GLU D 17 -19.71 27.82 3.46
N CYS D 18 -18.58 27.53 2.84
CA CYS D 18 -18.25 28.09 1.55
C CYS D 18 -19.09 27.50 0.43
N CYS D 19 -19.52 26.26 0.56
CA CYS D 19 -20.42 25.78 -0.46
C CYS D 19 -21.46 24.92 0.19
N PRO D 20 -22.63 25.51 0.44
CA PRO D 20 -23.80 24.82 0.99
C PRO D 20 -24.32 23.78 0.01
N LYS D 21 -23.61 22.66 -0.01
CA LYS D 21 -23.91 21.53 -0.88
C LYS D 21 -25.20 20.88 -0.43
N PRO D 22 -26.05 20.51 -1.39
CA PRO D 22 -27.32 19.81 -1.16
C PRO D 22 -27.15 18.34 -0.75
N MET D 23 -28.24 17.77 -0.26
CA MET D 23 -28.32 16.36 0.03
C MET D 23 -28.59 15.52 -1.23
N LEU D 24 -27.61 14.77 -1.67
CA LEU D 24 -27.86 13.83 -2.75
C LEU D 24 -28.40 12.53 -2.16
N VAL D 25 -28.10 12.33 -0.88
CA VAL D 25 -28.75 11.34 -0.03
C VAL D 25 -29.22 12.07 1.22
N ASP D 26 -30.44 11.78 1.66
CA ASP D 26 -31.08 12.45 2.81
C ASP D 26 -30.11 12.71 3.96
N GLY D 27 -30.08 13.95 4.42
CA GLY D 27 -29.12 14.37 5.41
C GLY D 27 -29.12 13.55 6.68
N THR D 28 -30.27 13.05 7.06
CA THR D 28 -30.42 12.29 8.29
C THR D 28 -29.87 10.87 8.20
N ILE D 29 -29.90 10.31 7.00
CA ILE D 29 -29.34 8.99 6.75
C ILE D 29 -27.83 8.91 7.01
N MET D 30 -27.10 9.92 6.57
CA MET D 30 -25.64 9.91 6.67
C MET D 30 -25.13 10.08 8.10
N MET D 31 -25.84 10.89 8.90
CA MET D 31 -25.47 11.15 10.29
C MET D 31 -25.49 9.83 11.01
N ASP D 32 -26.56 9.10 10.69
CA ASP D 32 -26.87 7.78 11.19
C ASP D 32 -25.81 6.78 10.74
N CYS D 33 -25.58 6.76 9.44
CA CYS D 33 -24.64 5.83 8.84
C CYS D 33 -23.24 5.98 9.43
N TYR D 34 -22.82 7.22 9.62
CA TYR D 34 -21.50 7.51 10.18
C TYR D 34 -21.35 7.12 11.63
N LYS D 35 -22.32 7.49 12.46
CA LYS D 35 -22.25 7.21 13.89
C LYS D 35 -22.13 5.71 14.05
N LYS D 36 -22.77 4.99 13.12
CA LYS D 36 -22.72 3.54 13.08
C LYS D 36 -21.35 3.04 12.67
N TYR D 37 -20.87 3.53 11.53
CA TYR D 37 -19.68 2.98 10.88
C TYR D 37 -18.48 3.90 10.79
N GLY D 38 -18.49 4.99 11.55
CA GLY D 38 -17.42 5.95 11.49
C GLY D 38 -16.09 5.35 11.93
N GLU D 39 -16.11 4.65 13.05
CA GLU D 39 -14.89 4.16 13.69
C GLU D 39 -14.16 3.12 12.83
N GLN D 40 -14.91 2.22 12.19
CA GLN D 40 -14.33 1.22 11.31
C GLN D 40 -13.71 1.81 10.05
N THR D 41 -14.43 2.76 9.45
CA THR D 41 -14.01 3.44 8.23
C THR D 41 -12.74 4.24 8.46
N LYS D 42 -12.66 4.87 9.63
CA LYS D 42 -11.50 5.65 10.01
C LYS D 42 -10.27 4.80 10.29
N LYS D 43 -10.43 3.56 10.75
CA LYS D 43 -9.28 2.66 10.83
C LYS D 43 -8.77 2.29 9.45
N GLN D 44 -9.65 1.68 8.66
CA GLN D 44 -9.33 1.18 7.32
C GLN D 44 -8.64 2.23 6.44
N LEU D 45 -8.83 3.50 6.82
CA LEU D 45 -8.18 4.63 6.17
C LEU D 45 -6.69 4.59 6.39
N GLN D 46 -6.29 3.99 7.48
CA GLN D 46 -4.88 3.91 7.80
C GLN D 46 -4.31 2.57 7.37
N MET D 47 -5.17 1.69 6.86
CA MET D 47 -4.62 0.48 6.31
C MET D 47 -4.13 0.70 4.89
N ASP D 48 -3.09 -0.04 4.55
CA ASP D 48 -2.49 0.00 3.22
C ASP D 48 -3.05 -1.08 2.30
N GLY D 49 -2.46 -1.19 1.12
CA GLY D 49 -2.78 -2.28 0.20
C GLY D 49 -4.03 -2.00 -0.60
N ILE D 50 -4.70 -3.06 -1.07
CA ILE D 50 -6.03 -2.91 -1.65
C ILE D 50 -6.94 -2.16 -0.70
N PRO D 51 -7.60 -1.11 -1.22
CA PRO D 51 -8.59 -0.33 -0.47
C PRO D 51 -9.84 -1.14 -0.05
N ARG D 52 -10.26 -0.92 1.20
CA ARG D 52 -11.42 -1.58 1.81
C ARG D 52 -12.66 -0.69 1.67
N GLY D 53 -13.82 -1.29 1.42
CA GLY D 53 -15.04 -0.53 1.18
C GLY D 53 -15.51 0.36 2.33
N CYS D 54 -15.96 1.56 1.98
CA CYS D 54 -16.45 2.49 2.98
C CYS D 54 -17.86 2.13 3.42
N CYS D 55 -18.02 1.88 4.72
CA CYS D 55 -19.26 1.31 5.26
C CYS D 55 -20.38 2.32 5.55
N ILE D 56 -20.00 3.55 5.76
CA ILE D 56 -20.98 4.59 5.91
C ILE D 56 -21.80 4.64 4.64
N ALA D 57 -21.12 4.65 3.50
CA ALA D 57 -21.77 4.74 2.19
C ALA D 57 -22.73 3.58 1.91
N GLU D 58 -22.28 2.37 2.20
CA GLU D 58 -23.05 1.17 1.94
C GLU D 58 -24.32 1.10 2.77
N CYS D 59 -24.22 1.44 4.05
CA CYS D 59 -25.41 1.52 4.90
C CYS D 59 -26.38 2.54 4.28
N ALA D 60 -25.84 3.62 3.72
CA ALA D 60 -26.68 4.59 3.03
C ALA D 60 -27.31 4.00 1.76
N MET D 61 -26.57 3.18 1.05
CA MET D 61 -27.09 2.58 -0.16
C MET D 61 -28.02 1.44 0.19
N ASN D 62 -27.76 0.81 1.34
CA ASN D 62 -28.69 -0.16 1.90
C ASN D 62 -29.98 0.55 2.20
N ALA D 63 -29.87 1.68 2.88
CA ALA D 63 -31.01 2.40 3.37
C ALA D 63 -31.87 2.88 2.21
N THR D 64 -31.21 3.37 1.17
CA THR D 64 -31.91 3.90 0.04
C THR D 64 -32.16 2.84 -0.99
N ASN D 65 -31.75 1.62 -0.68
CA ASN D 65 -32.03 0.48 -1.55
C ASN D 65 -31.61 0.78 -2.96
N MET D 66 -30.39 1.30 -3.08
CA MET D 66 -29.80 1.66 -4.35
C MET D 66 -28.74 0.66 -4.74
N TYR D 67 -28.17 -0.02 -3.74
CA TYR D 67 -27.16 -1.04 -3.95
C TYR D 67 -27.72 -2.40 -3.61
N ALA D 68 -27.42 -3.39 -4.44
CA ALA D 68 -27.95 -4.73 -4.21
C ALA D 68 -27.15 -5.84 -4.92
N ASP D 69 -26.73 -6.83 -4.15
CA ASP D 69 -26.01 -8.00 -4.66
C ASP D 69 -24.73 -7.64 -5.43
N GLY D 70 -23.91 -6.77 -4.85
CA GLY D 70 -22.68 -6.36 -5.49
C GLY D 70 -22.92 -5.50 -6.71
N MET D 71 -24.17 -5.08 -6.91
CA MET D 71 -24.50 -4.29 -8.08
C MET D 71 -25.22 -3.01 -7.64
N LEU D 72 -24.67 -1.87 -8.04
CA LEU D 72 -25.28 -0.59 -7.74
C LEU D 72 -26.20 -0.25 -8.90
N LYS D 73 -27.39 0.24 -8.58
CA LYS D 73 -28.34 0.60 -9.64
C LYS D 73 -28.06 2.02 -10.12
N ARG D 74 -27.12 2.14 -11.05
CA ARG D 74 -26.76 3.45 -11.61
C ARG D 74 -27.96 4.23 -12.08
N ASP D 75 -28.77 3.54 -12.88
CA ASP D 75 -29.92 4.10 -13.58
C ASP D 75 -30.87 4.76 -12.61
N ASP D 76 -31.20 4.04 -11.55
CA ASP D 76 -32.11 4.54 -10.53
C ASP D 76 -31.41 5.59 -9.68
N LEU D 77 -30.09 5.43 -9.52
CA LEU D 77 -29.30 6.36 -8.72
C LEU D 77 -29.28 7.79 -9.25
N SER D 78 -29.13 7.95 -10.56
CA SER D 78 -29.17 9.29 -11.17
C SER D 78 -30.41 10.05 -10.76
N LYS D 79 -31.58 9.45 -10.99
CA LYS D 79 -32.82 10.17 -10.77
C LYS D 79 -32.93 10.55 -9.31
N MET D 80 -32.40 9.71 -8.44
CA MET D 80 -32.41 10.02 -7.02
C MET D 80 -31.65 11.31 -6.80
N PHE D 81 -30.56 11.44 -7.55
CA PHE D 81 -29.76 12.65 -7.46
C PHE D 81 -30.44 13.84 -8.11
N MET D 82 -31.10 13.61 -9.25
CA MET D 82 -31.75 14.70 -9.97
C MET D 82 -32.89 15.27 -9.10
N ASP D 83 -33.66 14.39 -8.49
CA ASP D 83 -34.76 14.80 -7.62
C ASP D 83 -34.35 15.62 -6.42
N ALA D 84 -33.10 15.48 -5.99
CA ALA D 84 -32.67 16.27 -4.85
C ALA D 84 -32.58 17.71 -5.32
N VAL D 85 -32.22 17.87 -6.58
CA VAL D 85 -31.98 19.19 -7.13
C VAL D 85 -33.08 19.56 -8.10
N LYS D 86 -34.21 18.84 -8.05
CA LYS D 86 -35.39 19.29 -8.79
C LYS D 86 -35.79 20.61 -8.12
N ASP D 87 -35.32 20.74 -6.87
CA ASP D 87 -35.64 21.82 -5.97
C ASP D 87 -34.54 22.89 -5.90
N LYS D 88 -33.48 22.69 -6.69
CA LYS D 88 -32.27 23.54 -6.69
C LYS D 88 -31.65 23.62 -8.09
N PRO D 89 -32.07 24.59 -8.92
CA PRO D 89 -31.68 24.62 -10.34
C PRO D 89 -30.20 24.76 -10.62
N GLU D 90 -29.46 25.43 -9.74
CA GLU D 90 -28.04 25.66 -9.95
C GLU D 90 -27.15 24.42 -9.92
N TRP D 91 -27.60 23.34 -9.29
CA TRP D 91 -26.78 22.15 -9.21
C TRP D 91 -27.15 21.20 -10.34
N MET D 92 -28.38 21.35 -10.84
CA MET D 92 -28.95 20.43 -11.81
C MET D 92 -27.99 20.27 -12.95
N SER D 93 -27.49 21.42 -13.39
CA SER D 93 -26.57 21.43 -14.49
C SER D 93 -25.38 20.59 -14.10
N LEU D 94 -24.80 20.93 -12.96
CA LEU D 94 -23.61 20.29 -12.41
C LEU D 94 -23.82 18.84 -12.06
N VAL D 95 -24.88 18.57 -11.31
CA VAL D 95 -25.16 17.23 -10.81
C VAL D 95 -25.30 16.24 -11.91
N ARG D 96 -26.05 16.59 -12.93
CA ARG D 96 -26.19 15.69 -14.04
C ARG D 96 -24.83 15.36 -14.62
N ASP D 97 -24.02 16.40 -14.74
CA ASP D 97 -22.70 16.32 -15.36
C ASP D 97 -21.78 15.43 -14.57
N ALA D 98 -21.69 15.70 -13.28
CA ALA D 98 -20.79 14.98 -12.35
C ALA D 98 -21.02 13.46 -12.24
N THR D 99 -22.26 13.05 -12.37
CA THR D 99 -22.62 11.64 -12.25
C THR D 99 -21.90 10.74 -13.25
N ASN D 100 -21.97 11.09 -14.52
CA ASN D 100 -21.38 10.29 -15.58
C ASN D 100 -19.88 10.34 -15.47
N ALA D 101 -19.36 11.45 -14.97
CA ALA D 101 -17.95 11.50 -14.64
C ALA D 101 -17.63 10.41 -13.64
N CYS D 102 -18.27 10.43 -12.48
CA CYS D 102 -17.97 9.45 -11.44
C CYS D 102 -18.12 8.01 -11.89
N PHE D 103 -19.16 7.72 -12.65
CA PHE D 103 -19.41 6.34 -13.02
C PHE D 103 -18.41 5.77 -14.00
N GLU D 104 -18.10 6.51 -15.06
CA GLU D 104 -17.09 6.05 -15.98
C GLU D 104 -15.72 6.24 -15.33
N LEU D 105 -15.59 7.22 -14.45
CA LEU D 105 -14.38 7.37 -13.64
C LEU D 105 -14.17 6.17 -12.72
N ALA D 106 -15.24 5.73 -12.06
CA ALA D 106 -15.20 4.51 -11.28
C ALA D 106 -14.95 3.28 -12.16
N GLU D 107 -15.31 3.38 -13.45
CA GLU D 107 -15.16 2.28 -14.39
C GLU D 107 -13.72 1.83 -14.66
N LYS D 108 -12.76 2.73 -14.45
CA LYS D 108 -11.36 2.40 -14.74
C LYS D 108 -10.68 1.51 -13.72
N LYS D 109 -10.97 1.74 -12.45
CA LYS D 109 -10.29 1.00 -11.39
C LYS D 109 -11.19 -0.11 -10.85
N MET D 110 -11.91 -0.76 -11.76
CA MET D 110 -12.85 -1.78 -11.38
C MET D 110 -12.16 -3.01 -10.85
N ASP D 111 -11.12 -3.45 -11.53
CA ASP D 111 -10.40 -4.64 -11.09
C ASP D 111 -9.84 -4.45 -9.68
N GLU D 112 -9.41 -3.24 -9.35
CA GLU D 112 -9.04 -2.90 -7.98
C GLU D 112 -10.26 -2.85 -7.03
N ILE D 113 -11.39 -2.32 -7.50
CA ILE D 113 -12.64 -2.35 -6.73
C ILE D 113 -13.15 -3.78 -6.64
N GLU D 114 -13.01 -4.51 -7.74
CA GLU D 114 -13.40 -5.90 -7.77
C GLU D 114 -12.54 -6.63 -6.76
N ALA D 115 -11.27 -6.26 -6.74
CA ALA D 115 -10.34 -6.78 -5.75
C ALA D 115 -10.76 -6.39 -4.35
N GLY D 116 -11.14 -5.13 -4.18
CA GLY D 116 -11.57 -4.67 -2.88
C GLY D 116 -12.80 -5.40 -2.41
N ALA D 117 -13.63 -5.81 -3.36
CA ALA D 117 -14.92 -6.42 -3.06
C ALA D 117 -14.80 -7.85 -2.56
N LYS D 118 -13.64 -8.47 -2.75
CA LYS D 118 -13.49 -9.90 -2.49
C LYS D 118 -12.91 -10.15 -1.10
N LEU D 119 -12.45 -9.10 -0.45
CA LEU D 119 -11.73 -9.21 0.85
C LEU D 119 -12.53 -9.80 2.00
N GLU D 120 -11.78 -10.23 3.01
CA GLU D 120 -12.30 -10.81 4.24
C GLU D 120 -11.93 -9.89 5.42
N PRO D 121 -12.77 -9.88 6.47
CA PRO D 121 -12.64 -8.96 7.62
C PRO D 121 -11.30 -8.97 8.36
N SER D 122 -10.68 -7.80 8.43
CA SER D 122 -9.35 -7.65 8.99
C SER D 122 -9.25 -7.89 10.48
N PHE D 123 -10.40 -7.90 11.16
CA PHE D 123 -10.40 -8.20 12.58
C PHE D 123 -11.81 -8.49 13.07
N GLU D 124 -11.94 -8.63 14.39
CA GLU D 124 -13.25 -8.97 14.97
C GLU D 124 -14.18 -7.77 14.96
N GLY D 125 -15.31 -8.00 14.29
CA GLY D 125 -16.37 -7.04 14.11
C GLY D 125 -16.12 -6.05 13.00
N GLU D 126 -15.23 -6.40 12.07
CA GLU D 126 -15.05 -5.59 10.87
C GLU D 126 -16.08 -6.01 9.84
N LYS D 127 -16.84 -5.05 9.34
CA LYS D 127 -17.77 -5.35 8.27
C LYS D 127 -17.19 -5.03 6.91
N ILE D 128 -17.13 -6.03 6.05
CA ILE D 128 -16.58 -5.86 4.71
C ILE D 128 -17.64 -5.40 3.71
N CYS D 129 -17.42 -4.19 3.20
CA CYS D 129 -18.35 -3.49 2.33
C CYS D 129 -17.85 -3.50 0.91
N HIS D 130 -18.76 -3.40 -0.04
CA HIS D 130 -18.38 -3.22 -1.43
C HIS D 130 -17.91 -1.78 -1.60
N PRO D 131 -16.70 -1.60 -2.16
CA PRO D 131 -16.08 -0.28 -2.27
C PRO D 131 -16.79 0.66 -3.25
N ILE D 132 -17.74 0.13 -4.02
CA ILE D 132 -18.42 0.91 -5.05
C ILE D 132 -19.20 2.12 -4.49
N SER D 133 -19.91 1.94 -3.38
CA SER D 133 -20.67 3.01 -2.76
C SER D 133 -19.76 4.16 -2.35
N GLY D 134 -18.69 3.80 -1.63
CA GLY D 134 -17.74 4.75 -1.08
C GLY D 134 -16.94 5.45 -2.16
N THR D 135 -16.87 4.82 -3.33
CA THR D 135 -16.28 5.45 -4.49
C THR D 135 -17.12 6.63 -4.93
N ILE D 136 -18.37 6.32 -5.26
CA ILE D 136 -19.28 7.29 -5.83
C ILE D 136 -19.56 8.41 -4.86
N LEU D 137 -19.86 8.05 -3.62
CA LEU D 137 -20.31 9.06 -2.68
C LEU D 137 -19.23 10.05 -2.27
N ARG D 138 -17.96 9.62 -2.22
CA ARG D 138 -16.88 10.58 -2.02
C ARG D 138 -16.71 11.43 -3.25
N CYS D 139 -16.56 10.72 -4.36
CA CYS D 139 -16.34 11.29 -5.68
C CYS D 139 -17.31 12.41 -5.98
N MET D 140 -18.59 12.16 -5.75
CA MET D 140 -19.63 13.16 -5.92
C MET D 140 -19.34 14.42 -5.13
N GLY D 141 -18.91 14.27 -3.89
CA GLY D 141 -18.62 15.40 -3.03
C GLY D 141 -17.47 16.17 -3.62
N MET D 142 -16.47 15.45 -4.07
CA MET D 142 -15.28 16.06 -4.63
C MET D 142 -15.71 16.82 -5.85
N MET D 143 -16.54 16.17 -6.66
CA MET D 143 -17.12 16.78 -7.84
C MET D 143 -17.91 18.07 -7.63
N MET D 144 -18.68 18.16 -6.56
CA MET D 144 -19.55 19.32 -6.40
C MET D 144 -18.87 20.51 -5.76
N PHE D 145 -17.93 20.25 -4.87
CA PHE D 145 -17.07 21.27 -4.30
C PHE D 145 -16.30 21.96 -5.43
N ALA D 146 -15.61 21.15 -6.23
CA ALA D 146 -14.66 21.64 -7.22
C ALA D 146 -15.25 22.61 -8.23
N GLN D 147 -16.46 22.31 -8.71
CA GLN D 147 -17.10 23.12 -9.73
C GLN D 147 -18.36 23.83 -9.22
N CYS D 148 -18.39 24.09 -7.91
CA CYS D 148 -19.50 24.77 -7.24
C CYS D 148 -20.08 25.98 -7.97
N PRO D 149 -21.41 26.05 -8.07
CA PRO D 149 -22.20 27.11 -8.72
C PRO D 149 -21.96 28.51 -8.15
N ALA D 150 -21.62 29.44 -9.04
CA ALA D 150 -21.31 30.83 -8.68
C ALA D 150 -22.37 31.56 -7.88
N SER D 151 -23.62 31.15 -8.05
CA SER D 151 -24.72 31.68 -7.26
C SER D 151 -24.75 31.15 -5.84
N VAL D 152 -24.06 30.02 -5.64
CA VAL D 152 -24.14 29.26 -4.39
C VAL D 152 -22.97 29.49 -3.46
N PHE D 153 -21.81 29.73 -4.05
CA PHE D 153 -20.61 30.01 -3.29
C PHE D 153 -20.92 31.13 -2.34
N ASN D 154 -20.52 30.96 -1.09
CA ASN D 154 -20.62 32.05 -0.15
C ASN D 154 -19.30 32.83 -0.20
N VAL D 155 -19.42 34.11 -0.55
CA VAL D 155 -18.27 34.99 -0.73
C VAL D 155 -17.92 35.79 0.52
N ASN D 156 -16.63 35.79 0.85
CA ASN D 156 -16.05 36.59 1.89
C ASN D 156 -14.53 36.60 1.74
N GLU D 157 -13.86 37.52 2.42
CA GLU D 157 -12.40 37.56 2.43
C GLU D 157 -11.83 36.16 2.63
N ASN D 158 -12.45 35.40 3.52
CA ASN D 158 -11.97 34.07 3.81
C ASN D 158 -12.26 33.07 2.71
N CYS D 159 -13.53 32.88 2.38
CA CYS D 159 -13.92 31.89 1.40
C CYS D 159 -13.20 32.09 0.07
N ASN D 160 -12.74 33.30 -0.20
CA ASN D 160 -11.94 33.48 -1.39
C ASN D 160 -10.54 32.93 -1.21
N LYS D 161 -9.93 33.11 -0.04
CA LYS D 161 -8.61 32.53 0.15
C LYS D 161 -8.75 31.01 0.10
N LEU D 162 -9.83 30.51 0.67
CA LEU D 162 -10.07 29.08 0.62
C LEU D 162 -10.18 28.62 -0.82
N ARG D 163 -11.07 29.25 -1.56
CA ARG D 163 -11.23 28.93 -2.95
C ARG D 163 -9.93 29.08 -3.71
N GLU D 164 -9.24 30.21 -3.53
CA GLU D 164 -7.96 30.47 -4.18
C GLU D 164 -6.91 29.43 -3.84
N TYR D 165 -6.87 29.03 -2.57
CA TYR D 165 -5.97 27.98 -2.16
C TYR D 165 -6.35 26.73 -2.94
N GLY D 166 -7.58 26.27 -2.74
CA GLY D 166 -8.03 25.06 -3.40
C GLY D 166 -7.98 25.10 -4.92
N SER D 167 -8.04 26.29 -5.51
CA SER D 167 -8.03 26.37 -6.97
C SER D 167 -6.62 26.46 -7.54
N ILE D 168 -5.79 27.28 -6.92
CA ILE D 168 -4.50 27.55 -7.50
C ILE D 168 -3.43 26.56 -7.06
N CYS D 169 -3.29 26.39 -5.76
CA CYS D 169 -2.26 25.53 -5.22
C CYS D 169 -2.20 24.04 -5.65
N PRO D 170 -3.34 23.39 -5.92
CA PRO D 170 -3.19 21.98 -6.33
C PRO D 170 -2.22 21.79 -7.47
N MET D 171 -2.20 22.74 -8.39
CA MET D 171 -1.34 22.62 -9.56
C MET D 171 -0.02 23.31 -9.26
N ILE D 172 0.05 24.01 -8.13
CA ILE D 172 1.29 24.69 -7.76
C ILE D 172 1.96 24.12 -6.50
#